data_3GZY
#
_entry.id   3GZY
#
_cell.length_a   136.233
_cell.length_b   136.233
_cell.length_c   106.237
_cell.angle_alpha   90.00
_cell.angle_beta   90.00
_cell.angle_gamma   120.00
#
_symmetry.space_group_name_H-M   'H 3'
#
loop_
_entity.id
_entity.type
_entity.pdbx_description
1 polymer 'Biphenyl dioxygenase subunit alpha'
2 polymer 'Biphenyl dioxygenase subunit beta'
3 non-polymer 'FE (II) ION'
4 non-polymer 'FE2/S2 (INORGANIC) CLUSTER'
5 non-polymer '2-(N-MORPHOLINO)-ETHANESULFONIC ACID'
6 water water
#
loop_
_entity_poly.entity_id
_entity_poly.type
_entity_poly.pdbx_seq_one_letter_code
_entity_poly.pdbx_strand_id
1 'polypeptide(L)'
;MSSTMKDTQEAPVRWSRNWTPDAIRALVDQDNGKLDARIYADQDLYQLELERVFGRSWLMLGHETHIPKIGDYLTTYMGE
DPVIMVRQKDQSIKVFLNQCRHRGMRIVRSDGGNAKAFTCTYHGWAYDIAGNLVNVPFEKEAFCDKKEGDCGFDKADWGP
LQARVETYKGLVFANWDPEAPDLKTYLSDAMPYMDVMLDRTEAGTEAIGGIQKWVIPCNWKFAAEQFCSDMYHAGTMSHL
SGVLAGLPPEMDLTQIQLSKNGNQFRSAWGGHGAGWFINDSSILLSVVGPKITQYWTQGPAAEKAARRVPQLPILDMFGQ
HMTVFPTCSFLPGINTIRTWHPRGPNEVEVWAFVLVDADAPEDIKEEFRLQNIRTFNAGGVFEQDDGENWVEIQRVMRGH
KAKSTSLCAKMGLNVPNKNNPAYPGKTAYVYAEEAARGMYHHWSRMMSEPSWDTLKP
;
A
2 'polypeptide(L)'
;MISTPLSKEFEWPAKPVSLELQHQVEQFYYREAQLLDHHAFQAWFALLAEDIHYWMPIRTVRTAREQGLEYVPAGANAHF
DDTHATMYGRIRQKTSDLNWAEDPPSRTRHLVSNVIVREMDTPGTLEVASAFLLYRSRLERQVDVFAGERRDVLRIADNP
LGFQIAKRTIILDQSTVLANNLSVFF
;
B
#
loop_
_chem_comp.id
_chem_comp.type
_chem_comp.name
_chem_comp.formula
FE2 non-polymer 'FE (II) ION' 'Fe 2'
FES non-polymer 'FE2/S2 (INORGANIC) CLUSTER' 'Fe2 S2'
MES non-polymer '2-(N-MORPHOLINO)-ETHANESULFONIC ACID' 'C6 H13 N O4 S'
#
# COMPACT_ATOMS: atom_id res chain seq x y z
N ASN A 18 0.94 -26.61 -23.28
CA ASN A 18 1.03 -25.38 -22.49
C ASN A 18 2.33 -24.64 -22.77
N TRP A 19 3.13 -24.44 -21.72
CA TRP A 19 4.33 -23.62 -21.92
C TRP A 19 5.60 -24.38 -21.56
N THR A 20 6.41 -24.60 -22.59
CA THR A 20 7.73 -25.21 -22.44
C THR A 20 8.68 -24.21 -21.80
N PRO A 21 9.75 -24.66 -21.15
CA PRO A 21 10.74 -23.72 -20.63
C PRO A 21 11.23 -22.83 -21.76
N ASP A 22 11.41 -23.45 -22.94
CA ASP A 22 11.91 -22.67 -24.08
C ASP A 22 10.88 -21.62 -24.46
N ALA A 23 9.59 -22.00 -24.45
CA ALA A 23 8.54 -21.06 -24.79
C ALA A 23 8.47 -19.87 -23.83
N ILE A 24 8.66 -20.16 -22.55
CA ILE A 24 8.70 -19.12 -21.53
C ILE A 24 9.95 -18.23 -21.64
N ARG A 25 11.12 -18.79 -21.91
CA ARG A 25 12.31 -17.93 -21.92
C ARG A 25 12.26 -16.92 -23.05
N ALA A 26 11.63 -17.33 -24.15
CA ALA A 26 11.44 -16.48 -25.32
C ALA A 26 10.58 -15.25 -25.05
N LEU A 27 9.80 -15.25 -23.95
CA LEU A 27 8.99 -14.08 -23.70
C LEU A 27 9.76 -12.84 -23.23
N VAL A 28 11.01 -13.07 -22.86
CA VAL A 28 11.85 -12.00 -22.31
C VAL A 28 13.19 -12.05 -23.04
N ASP A 29 13.62 -10.96 -23.66
CA ASP A 29 14.96 -10.95 -24.25
C ASP A 29 15.75 -9.82 -23.62
N GLN A 30 16.64 -10.12 -22.67
CA GLN A 30 17.38 -9.04 -22.05
C GLN A 30 18.57 -8.61 -22.94
N ASP A 31 18.99 -9.46 -23.86
CA ASP A 31 20.08 -9.11 -24.76
C ASP A 31 19.60 -8.12 -25.81
N ASN A 32 18.40 -8.35 -26.34
CA ASN A 32 17.89 -7.38 -27.30
C ASN A 32 16.90 -6.38 -26.72
N GLY A 33 16.48 -6.52 -25.48
CA GLY A 33 15.66 -5.56 -24.81
C GLY A 33 14.19 -5.56 -25.21
N LYS A 34 13.63 -6.75 -25.19
CA LYS A 34 12.23 -6.84 -25.67
C LYS A 34 11.44 -7.71 -24.71
N LEU A 35 10.18 -7.34 -24.53
CA LEU A 35 9.26 -8.11 -23.69
C LEU A 35 8.01 -8.51 -24.46
N ASP A 36 7.59 -9.77 -24.29
CA ASP A 36 6.30 -10.16 -24.91
C ASP A 36 5.17 -9.74 -23.97
N ALA A 37 4.20 -8.96 -24.39
CA ALA A 37 3.08 -8.46 -23.60
C ALA A 37 2.25 -9.58 -22.93
N ARG A 38 2.35 -10.81 -23.45
CA ARG A 38 1.59 -11.92 -22.87
C ARG A 38 1.94 -12.16 -21.40
N ILE A 39 3.14 -11.73 -21.03
CA ILE A 39 3.52 -11.99 -19.63
C ILE A 39 2.56 -11.33 -18.68
N TYR A 40 1.86 -10.25 -19.06
CA TYR A 40 1.01 -9.50 -18.16
C TYR A 40 -0.48 -9.92 -18.15
N ALA A 41 -0.85 -10.78 -19.07
CA ALA A 41 -2.28 -11.08 -19.24
C ALA A 41 -2.63 -12.56 -19.24
N ASP A 42 -1.78 -13.43 -19.72
CA ASP A 42 -2.00 -14.84 -19.94
C ASP A 42 -2.30 -15.53 -18.61
N GLN A 43 -3.44 -16.23 -18.59
N GLN A 43 -3.44 -16.24 -18.55
CA GLN A 43 -3.89 -16.90 -17.37
CA GLN A 43 -3.84 -16.89 -17.31
C GLN A 43 -3.06 -18.12 -17.01
C GLN A 43 -3.02 -18.13 -16.99
N ASP A 44 -2.59 -18.84 -18.02
CA ASP A 44 -1.82 -20.05 -17.88
C ASP A 44 -0.46 -19.63 -17.27
N LEU A 45 0.08 -18.53 -17.78
CA LEU A 45 1.34 -18.03 -17.21
C LEU A 45 1.13 -17.61 -15.75
N TYR A 46 0.03 -16.96 -15.45
CA TYR A 46 -0.28 -16.61 -14.08
C TYR A 46 -0.29 -17.85 -13.18
N GLN A 47 -1.00 -18.92 -13.57
CA GLN A 47 -0.97 -20.09 -12.68
C GLN A 47 0.44 -20.64 -12.50
N LEU A 48 1.26 -20.57 -13.55
CA LEU A 48 2.65 -21.02 -13.37
C LEU A 48 3.40 -20.08 -12.42
N GLU A 49 3.10 -18.78 -12.44
CA GLU A 49 3.66 -17.83 -11.48
C GLU A 49 3.30 -18.21 -10.05
N LEU A 50 2.02 -18.51 -9.80
CA LEU A 50 1.68 -18.98 -8.45
C LEU A 50 2.54 -20.16 -8.03
N GLU A 51 2.86 -21.10 -8.91
CA GLU A 51 3.67 -22.28 -8.52
C GLU A 51 5.16 -21.94 -8.44
N ARG A 52 5.67 -21.34 -9.49
CA ARG A 52 7.11 -21.24 -9.71
C ARG A 52 7.72 -19.93 -9.21
N VAL A 53 6.90 -18.94 -8.99
CA VAL A 53 7.39 -17.67 -8.46
C VAL A 53 6.90 -17.47 -7.02
N PHE A 54 5.60 -17.31 -6.84
CA PHE A 54 5.13 -17.02 -5.47
C PHE A 54 5.28 -18.23 -4.56
N GLY A 55 5.29 -19.41 -5.13
CA GLY A 55 5.34 -20.63 -4.34
C GLY A 55 6.71 -20.84 -3.74
N ARG A 56 7.73 -20.13 -4.21
CA ARG A 56 9.07 -20.45 -3.71
C ARG A 56 9.96 -19.19 -3.63
N SER A 57 9.33 -18.02 -3.64
CA SER A 57 10.03 -16.75 -3.41
C SER A 57 9.89 -16.32 -1.95
N TRP A 58 10.78 -15.47 -1.46
CA TRP A 58 10.58 -14.82 -0.17
C TRP A 58 9.69 -13.60 -0.38
N LEU A 59 8.54 -13.66 0.29
CA LEU A 59 7.47 -12.70 0.29
C LEU A 59 7.35 -11.93 1.61
N MET A 60 7.24 -10.61 1.46
N MET A 60 7.22 -10.62 1.44
CA MET A 60 7.11 -9.72 2.62
CA MET A 60 7.10 -9.76 2.61
C MET A 60 5.70 -9.76 3.20
C MET A 60 5.70 -9.75 3.19
N LEU A 61 5.60 -10.06 4.50
CA LEU A 61 4.31 -10.12 5.16
C LEU A 61 3.97 -8.95 6.06
N GLY A 62 4.97 -8.22 6.60
CA GLY A 62 4.66 -7.17 7.57
C GLY A 62 6.02 -6.90 8.29
N HIS A 63 5.87 -6.30 9.44
CA HIS A 63 7.04 -5.79 10.19
C HIS A 63 6.99 -6.43 11.58
N GLU A 64 8.12 -6.69 12.21
CA GLU A 64 8.06 -7.25 13.56
C GLU A 64 7.19 -6.46 14.52
N THR A 65 7.08 -5.15 14.39
CA THR A 65 6.34 -4.26 15.24
C THR A 65 4.83 -4.41 14.98
N HIS A 66 4.51 -5.23 13.96
CA HIS A 66 3.07 -5.45 13.77
C HIS A 66 2.59 -6.47 14.84
N ILE A 67 3.54 -7.25 15.33
CA ILE A 67 3.25 -8.34 16.27
C ILE A 67 4.27 -8.39 17.43
N PRO A 68 4.23 -7.31 18.20
CA PRO A 68 5.25 -7.13 19.25
C PRO A 68 5.21 -8.19 20.34
N LYS A 69 4.02 -8.63 20.72
CA LYS A 69 3.88 -9.38 21.99
C LYS A 69 3.49 -10.82 21.73
N ILE A 70 3.79 -11.72 22.66
CA ILE A 70 3.35 -13.10 22.54
C ILE A 70 1.85 -13.18 22.22
N GLY A 71 1.57 -14.05 21.25
CA GLY A 71 0.19 -14.24 20.81
C GLY A 71 -0.30 -13.18 19.85
N ASP A 72 0.41 -12.08 19.62
CA ASP A 72 0.03 -11.15 18.55
C ASP A 72 0.13 -11.79 17.18
N TYR A 73 -0.89 -11.49 16.32
CA TYR A 73 -0.94 -12.05 14.98
C TYR A 73 -1.40 -10.97 13.99
N LEU A 74 -1.05 -11.26 12.76
CA LEU A 74 -1.42 -10.49 11.57
C LEU A 74 -1.91 -11.49 10.53
N THR A 75 -3.10 -11.26 9.94
CA THR A 75 -3.43 -12.11 8.80
C THR A 75 -3.03 -11.32 7.54
N THR A 76 -2.40 -12.05 6.63
CA THR A 76 -2.06 -11.39 5.34
C THR A 76 -1.99 -12.49 4.30
N TYR A 77 -1.16 -12.36 3.27
CA TYR A 77 -1.15 -13.26 2.13
C TYR A 77 0.25 -13.64 1.66
N MET A 78 0.39 -14.81 1.09
CA MET A 78 1.51 -15.20 0.26
C MET A 78 0.87 -15.53 -1.09
N GLY A 79 0.97 -14.60 -2.04
CA GLY A 79 0.26 -14.82 -3.31
C GLY A 79 -1.24 -14.72 -3.06
N GLU A 80 -1.99 -15.80 -3.31
CA GLU A 80 -3.42 -15.75 -3.07
C GLU A 80 -3.76 -16.66 -1.89
N ASP A 81 -2.71 -17.15 -1.22
CA ASP A 81 -2.94 -17.96 -0.01
C ASP A 81 -2.98 -17.08 1.24
N PRO A 82 -4.05 -17.16 2.03
CA PRO A 82 -4.15 -16.42 3.27
C PRO A 82 -3.31 -17.15 4.34
N VAL A 83 -2.48 -16.36 5.01
CA VAL A 83 -1.61 -16.89 6.09
C VAL A 83 -1.75 -16.07 7.33
N ILE A 84 -1.42 -16.68 8.50
CA ILE A 84 -1.31 -16.09 9.80
C ILE A 84 0.18 -15.96 10.19
N MET A 85 0.55 -14.73 10.51
CA MET A 85 1.91 -14.45 11.03
C MET A 85 1.77 -14.11 12.49
N VAL A 86 2.45 -14.88 13.36
CA VAL A 86 2.11 -14.85 14.77
C VAL A 86 3.36 -15.04 15.67
N ARG A 87 3.38 -14.18 16.68
CA ARG A 87 4.52 -14.15 17.62
C ARG A 87 4.44 -15.30 18.60
N GLN A 88 5.49 -16.09 18.70
CA GLN A 88 5.53 -17.30 19.52
C GLN A 88 6.03 -16.99 20.93
N LYS A 89 5.75 -17.94 21.82
CA LYS A 89 6.20 -17.84 23.20
C LYS A 89 7.70 -17.59 23.36
N ASP A 90 8.53 -18.19 22.53
CA ASP A 90 9.96 -17.94 22.49
C ASP A 90 10.37 -16.70 21.67
N GLN A 91 9.46 -15.82 21.30
CA GLN A 91 9.69 -14.58 20.59
C GLN A 91 9.98 -14.79 19.10
N SER A 92 10.03 -16.04 18.64
CA SER A 92 10.13 -16.39 17.25
C SER A 92 8.79 -15.98 16.59
N ILE A 93 8.83 -16.03 15.27
CA ILE A 93 7.59 -15.77 14.50
C ILE A 93 7.31 -16.94 13.59
N LYS A 94 6.06 -17.42 13.58
N LYS A 94 6.06 -17.41 13.58
CA LYS A 94 5.65 -18.49 12.68
CA LYS A 94 5.61 -18.49 12.73
C LYS A 94 4.57 -17.96 11.71
C LYS A 94 4.56 -17.97 11.73
N VAL A 95 4.55 -18.68 10.59
CA VAL A 95 3.64 -18.36 9.51
C VAL A 95 3.05 -19.65 8.97
N PHE A 96 1.72 -19.71 8.97
CA PHE A 96 1.11 -20.93 8.45
C PHE A 96 -0.20 -20.56 7.72
N LEU A 97 -0.61 -21.50 6.87
CA LEU A 97 -1.81 -21.28 6.05
C LEU A 97 -3.04 -21.06 6.90
N ASN A 98 -3.86 -20.06 6.56
CA ASN A 98 -5.07 -19.76 7.31
C ASN A 98 -6.20 -20.64 6.80
N GLN A 99 -6.03 -21.95 6.99
CA GLN A 99 -7.01 -22.90 6.48
C GLN A 99 -7.11 -24.13 7.36
N CYS A 100 -8.29 -24.38 7.91
CA CYS A 100 -8.58 -25.58 8.68
C CYS A 100 -8.34 -26.84 7.88
N ARG A 101 -7.68 -27.84 8.47
CA ARG A 101 -7.38 -29.07 7.77
C ARG A 101 -8.59 -30.06 7.75
N HIS A 102 -9.68 -29.68 8.39
CA HIS A 102 -10.84 -30.59 8.25
C HIS A 102 -11.59 -30.36 6.95
N ARG A 103 -12.17 -29.16 6.81
CA ARG A 103 -12.89 -28.96 5.55
C ARG A 103 -12.45 -27.63 4.92
N GLY A 104 -11.40 -27.01 5.46
CA GLY A 104 -10.91 -25.83 4.75
C GLY A 104 -11.33 -24.49 5.22
N MET A 105 -12.10 -24.33 6.30
N MET A 105 -12.10 -24.35 6.30
CA MET A 105 -12.57 -23.03 6.76
CA MET A 105 -12.53 -23.06 6.78
C MET A 105 -11.39 -22.12 7.15
C MET A 105 -11.34 -22.16 7.12
N ARG A 106 -11.62 -20.83 7.00
N ARG A 106 -11.49 -20.87 6.88
CA ARG A 106 -10.65 -19.84 7.48
CA ARG A 106 -10.48 -19.92 7.37
C ARG A 106 -10.57 -19.98 8.98
C ARG A 106 -10.52 -20.01 8.89
N ILE A 107 -9.37 -20.19 9.53
CA ILE A 107 -9.33 -20.33 10.98
C ILE A 107 -9.50 -19.04 11.75
N VAL A 108 -8.79 -18.01 11.29
CA VAL A 108 -8.81 -16.69 11.86
C VAL A 108 -9.52 -15.68 11.00
N ARG A 109 -10.53 -14.99 11.52
CA ARG A 109 -11.38 -14.13 10.73
C ARG A 109 -11.10 -12.64 10.87
N SER A 110 -10.15 -12.28 11.71
CA SER A 110 -9.81 -10.88 11.94
C SER A 110 -8.50 -10.51 11.23
N ASP A 111 -8.31 -9.19 11.10
CA ASP A 111 -7.10 -8.65 10.47
C ASP A 111 -5.86 -8.82 11.35
N GLY A 112 -6.08 -8.98 12.65
CA GLY A 112 -4.96 -9.07 13.60
C GLY A 112 -5.51 -8.95 15.02
N GLY A 113 -4.71 -9.34 16.02
CA GLY A 113 -5.15 -9.11 17.40
C GLY A 113 -4.19 -9.90 18.29
N ASN A 114 -4.65 -10.33 19.47
CA ASN A 114 -3.87 -11.23 20.32
C ASN A 114 -4.67 -12.53 20.55
N ALA A 115 -4.04 -13.67 20.38
CA ALA A 115 -4.71 -14.95 20.65
C ALA A 115 -3.90 -15.84 21.61
N LYS A 116 -4.62 -16.67 22.32
CA LYS A 116 -4.09 -17.84 23.00
C LYS A 116 -4.35 -19.09 22.16
N ALA A 117 -5.30 -19.02 21.22
CA ALA A 117 -5.66 -20.17 20.41
C ALA A 117 -6.42 -19.71 19.17
N PHE A 118 -6.32 -20.49 18.11
CA PHE A 118 -7.07 -20.16 16.89
C PHE A 118 -8.11 -21.27 16.66
N THR A 119 -9.36 -20.88 16.76
CA THR A 119 -10.42 -21.89 16.62
C THR A 119 -11.22 -21.77 15.34
N CYS A 120 -11.36 -22.89 14.65
CA CYS A 120 -12.25 -22.97 13.46
C CYS A 120 -13.71 -23.02 13.90
N THR A 121 -14.54 -22.10 13.42
CA THR A 121 -15.92 -21.92 13.82
C THR A 121 -16.85 -22.95 13.15
N TYR A 122 -16.34 -23.75 12.23
CA TYR A 122 -17.25 -24.69 11.55
C TYR A 122 -17.45 -25.90 12.48
N HIS A 123 -16.38 -26.64 12.76
CA HIS A 123 -16.57 -27.76 13.71
C HIS A 123 -15.74 -27.58 14.97
N GLY A 124 -15.09 -26.44 15.16
CA GLY A 124 -14.58 -26.13 16.52
C GLY A 124 -13.19 -26.69 16.75
N TRP A 125 -12.53 -27.17 15.68
CA TRP A 125 -11.13 -27.61 15.75
C TRP A 125 -10.29 -26.42 16.22
N ALA A 126 -9.46 -26.64 17.22
CA ALA A 126 -8.72 -25.51 17.81
C ALA A 126 -7.22 -25.71 17.69
N TYR A 127 -6.53 -24.60 17.39
CA TYR A 127 -5.12 -24.61 17.07
C TYR A 127 -4.35 -23.73 18.04
N ASP A 128 -3.17 -24.18 18.47
CA ASP A 128 -2.42 -23.28 19.33
C ASP A 128 -1.74 -22.25 18.39
N ILE A 129 -1.10 -21.29 19.05
CA ILE A 129 -0.48 -20.19 18.28
C ILE A 129 0.68 -20.62 17.41
N ALA A 130 1.11 -21.86 17.52
CA ALA A 130 2.16 -22.48 16.73
C ALA A 130 1.64 -23.17 15.47
N GLY A 131 0.29 -23.11 15.39
CA GLY A 131 -0.40 -23.83 14.36
C GLY A 131 -0.60 -25.31 14.53
N ASN A 132 -0.38 -25.83 15.75
CA ASN A 132 -0.66 -27.25 15.94
C ASN A 132 -2.11 -27.49 16.27
N LEU A 133 -2.67 -28.61 15.77
CA LEU A 133 -4.04 -28.94 16.18
C LEU A 133 -4.03 -29.50 17.61
N VAL A 134 -4.75 -28.89 18.53
CA VAL A 134 -4.73 -29.25 19.95
C VAL A 134 -6.08 -29.60 20.55
N ASN A 135 -7.18 -29.36 19.84
CA ASN A 135 -8.45 -29.74 20.44
C ASN A 135 -9.41 -30.08 19.27
N VAL A 136 -9.87 -31.31 19.24
CA VAL A 136 -10.86 -31.81 18.26
C VAL A 136 -12.11 -32.14 19.07
N PRO A 137 -13.17 -31.38 18.97
CA PRO A 137 -14.43 -31.76 19.69
C PRO A 137 -14.83 -33.18 19.33
N PHE A 138 -15.29 -33.87 20.37
CA PHE A 138 -15.69 -35.27 20.30
C PHE A 138 -14.62 -36.24 19.87
N GLU A 139 -13.31 -35.98 20.04
CA GLU A 139 -12.30 -36.93 19.62
C GLU A 139 -12.49 -38.31 20.29
N LYS A 140 -12.82 -38.22 21.57
CA LYS A 140 -12.89 -39.46 22.35
C LYS A 140 -14.09 -40.30 21.92
N GLU A 141 -15.20 -39.59 21.65
CA GLU A 141 -16.40 -40.35 21.25
C GLU A 141 -16.44 -40.71 19.78
N ALA A 142 -15.82 -39.93 18.89
CA ALA A 142 -16.04 -40.11 17.47
C ALA A 142 -14.78 -40.50 16.72
N PHE A 143 -13.57 -40.20 17.23
CA PHE A 143 -12.38 -40.37 16.40
C PHE A 143 -11.49 -41.53 16.80
N CYS A 144 -11.74 -42.12 17.96
CA CYS A 144 -10.92 -43.24 18.40
C CYS A 144 -11.80 -44.19 19.23
N ASP A 145 -11.16 -45.30 19.56
CA ASP A 145 -11.78 -46.38 20.33
C ASP A 145 -11.49 -46.23 21.81
N LYS A 146 -10.26 -46.51 22.22
CA LYS A 146 -9.98 -46.56 23.65
C LYS A 146 -9.12 -45.41 24.14
N LYS A 147 -8.27 -44.96 23.23
CA LYS A 147 -7.42 -43.81 23.50
C LYS A 147 -7.10 -43.10 22.18
N GLU A 148 -6.79 -41.82 22.35
CA GLU A 148 -6.44 -40.97 21.21
C GLU A 148 -5.40 -41.64 20.33
N GLY A 149 -5.68 -41.62 19.03
CA GLY A 149 -4.84 -42.07 17.95
C GLY A 149 -4.93 -43.55 17.64
N ASP A 150 -5.78 -44.29 18.38
CA ASP A 150 -5.70 -45.76 18.21
C ASP A 150 -6.49 -46.30 17.02
N CYS A 151 -7.24 -45.44 16.32
CA CYS A 151 -7.89 -45.76 15.06
C CYS A 151 -7.40 -44.94 13.86
N GLY A 152 -6.16 -44.44 13.87
CA GLY A 152 -5.65 -43.78 12.66
C GLY A 152 -5.80 -42.27 12.65
N PHE A 153 -6.53 -41.69 13.58
CA PHE A 153 -6.64 -40.24 13.67
C PHE A 153 -5.72 -39.70 14.77
N ASP A 154 -4.76 -38.91 14.31
CA ASP A 154 -3.74 -38.24 15.11
C ASP A 154 -3.69 -36.74 14.82
N LYS A 155 -3.96 -35.94 15.84
CA LYS A 155 -4.03 -34.48 15.66
C LYS A 155 -2.70 -33.99 15.07
N ALA A 156 -1.59 -34.67 15.37
CA ALA A 156 -0.31 -34.19 14.85
C ALA A 156 -0.25 -34.13 13.33
N ASP A 157 -1.09 -34.91 12.66
CA ASP A 157 -1.10 -35.07 11.24
C ASP A 157 -1.85 -33.93 10.53
N TRP A 158 -2.60 -33.14 11.27
CA TRP A 158 -3.59 -32.27 10.62
C TRP A 158 -3.43 -30.80 11.03
N GLY A 159 -2.18 -30.33 10.97
CA GLY A 159 -1.88 -28.91 11.16
C GLY A 159 -1.78 -28.24 9.77
N PRO A 160 -2.12 -26.96 9.68
CA PRO A 160 -2.01 -26.26 8.37
C PRO A 160 -0.57 -26.06 7.93
N LEU A 161 -0.34 -25.96 6.62
CA LEU A 161 1.01 -25.89 6.06
C LEU A 161 1.77 -24.71 6.66
N GLN A 162 3.02 -25.01 7.02
CA GLN A 162 3.89 -23.98 7.55
C GLN A 162 4.84 -23.44 6.49
N ALA A 163 5.14 -22.12 6.61
CA ALA A 163 6.16 -21.49 5.81
C ALA A 163 7.47 -21.30 6.59
N ARG A 164 8.57 -21.27 5.84
CA ARG A 164 9.82 -20.79 6.42
C ARG A 164 9.68 -19.29 6.70
N VAL A 165 10.31 -18.79 7.76
CA VAL A 165 10.13 -17.41 8.14
C VAL A 165 11.52 -16.84 8.48
N GLU A 166 11.84 -15.68 7.92
CA GLU A 166 13.07 -15.01 8.37
C GLU A 166 12.79 -13.52 8.37
N THR A 167 13.45 -12.80 9.28
CA THR A 167 13.30 -11.35 9.29
C THR A 167 14.57 -10.73 8.74
N TYR A 168 14.47 -9.56 8.16
CA TYR A 168 15.63 -8.77 7.78
C TYR A 168 15.39 -7.35 8.29
N LYS A 169 16.18 -6.98 9.29
CA LYS A 169 16.10 -5.68 9.98
C LYS A 169 14.68 -5.17 10.12
N GLY A 170 13.81 -5.96 10.77
CA GLY A 170 12.44 -5.48 10.98
C GLY A 170 11.43 -6.08 10.00
N LEU A 171 11.82 -6.36 8.77
CA LEU A 171 10.84 -6.89 7.82
C LEU A 171 10.66 -8.40 7.96
N VAL A 172 9.41 -8.88 8.01
CA VAL A 172 9.18 -10.31 8.07
C VAL A 172 8.89 -10.86 6.68
N PHE A 173 9.70 -11.79 6.23
CA PHE A 173 9.55 -12.50 4.96
C PHE A 173 9.24 -13.97 5.18
N ALA A 174 8.52 -14.60 4.25
CA ALA A 174 8.23 -16.01 4.37
C ALA A 174 8.40 -16.72 3.04
N ASN A 175 8.63 -18.04 3.10
CA ASN A 175 8.85 -18.82 1.88
C ASN A 175 8.33 -20.23 2.09
N TRP A 176 7.48 -20.75 1.21
CA TRP A 176 7.05 -22.15 1.41
C TRP A 176 8.10 -23.21 1.12
N ASP A 177 9.08 -22.92 0.27
CA ASP A 177 9.89 -23.95 -0.31
C ASP A 177 11.10 -24.35 0.53
N PRO A 178 11.12 -25.55 1.06
CA PRO A 178 12.30 -25.96 1.87
C PRO A 178 13.62 -25.90 1.11
N GLU A 179 13.63 -25.91 -0.22
CA GLU A 179 14.85 -25.99 -1.03
C GLU A 179 15.37 -24.64 -1.48
N ALA A 180 14.59 -23.57 -1.20
CA ALA A 180 15.00 -22.24 -1.62
C ALA A 180 16.19 -21.75 -0.80
N PRO A 181 16.90 -20.75 -1.31
CA PRO A 181 18.05 -20.23 -0.52
C PRO A 181 17.54 -19.48 0.68
N ASP A 182 18.37 -19.34 1.73
CA ASP A 182 17.98 -18.52 2.85
C ASP A 182 17.76 -17.06 2.39
N LEU A 183 17.19 -16.27 3.27
CA LEU A 183 16.77 -14.90 2.95
C LEU A 183 17.97 -14.07 2.48
N LYS A 184 19.01 -13.99 3.31
CA LYS A 184 20.13 -13.12 2.92
C LYS A 184 20.80 -13.53 1.62
N THR A 185 20.94 -14.82 1.37
CA THR A 185 21.50 -15.34 0.12
C THR A 185 20.63 -14.84 -1.05
N TYR A 186 19.32 -15.03 -0.90
CA TYR A 186 18.37 -14.54 -1.91
C TYR A 186 18.45 -13.05 -2.17
N LEU A 187 18.77 -12.25 -1.16
CA LEU A 187 18.89 -10.80 -1.26
C LEU A 187 20.18 -10.40 -2.02
N SER A 188 21.05 -11.34 -2.31
CA SER A 188 22.14 -11.10 -3.27
C SER A 188 22.97 -9.89 -2.79
N ASP A 189 23.27 -8.96 -3.70
CA ASP A 189 24.07 -7.82 -3.28
C ASP A 189 23.24 -6.58 -2.96
N ALA A 190 21.93 -6.78 -2.70
CA ALA A 190 21.01 -5.69 -2.52
C ALA A 190 20.83 -5.16 -1.12
N MET A 191 21.41 -5.87 -0.13
CA MET A 191 21.10 -5.41 1.24
C MET A 191 21.51 -3.99 1.54
N PRO A 192 22.65 -3.42 1.10
CA PRO A 192 22.92 -2.03 1.48
C PRO A 192 21.89 -0.99 1.06
N TYR A 193 21.30 -1.32 -0.12
CA TYR A 193 20.27 -0.46 -0.68
C TYR A 193 19.02 -0.48 0.19
N MET A 194 18.76 -1.69 0.76
CA MET A 194 17.63 -1.76 1.70
C MET A 194 17.90 -1.02 3.00
N ASP A 195 19.19 -1.18 3.41
CA ASP A 195 19.62 -0.55 4.67
C ASP A 195 19.47 0.96 4.74
N VAL A 196 19.46 1.62 3.56
CA VAL A 196 19.25 3.05 3.45
C VAL A 196 17.99 3.45 4.21
N MET A 197 16.97 2.57 4.17
CA MET A 197 15.75 2.74 4.93
C MET A 197 15.71 1.98 6.27
N LEU A 198 16.21 0.76 6.24
CA LEU A 198 16.00 -0.15 7.37
C LEU A 198 17.10 -0.10 8.43
N ASP A 199 18.27 0.49 8.13
CA ASP A 199 19.32 0.31 9.14
C ASP A 199 20.01 1.63 9.49
N ARG A 200 19.26 2.70 9.48
CA ARG A 200 19.81 4.02 9.77
C ARG A 200 20.15 4.18 11.25
N THR A 201 19.63 3.30 12.11
CA THR A 201 19.84 3.55 13.56
C THR A 201 19.80 2.22 14.29
N GLU A 202 20.60 2.10 15.37
CA GLU A 202 20.60 0.94 16.23
C GLU A 202 19.20 0.67 16.78
N ALA A 203 18.37 1.71 16.87
CA ALA A 203 17.01 1.62 17.38
C ALA A 203 16.13 0.86 16.37
N GLY A 204 16.51 0.73 15.11
CA GLY A 204 15.65 0.03 14.14
C GLY A 204 14.49 0.91 13.71
N THR A 205 13.60 0.31 12.89
CA THR A 205 12.38 1.01 12.53
C THR A 205 11.13 0.43 13.19
N GLU A 206 10.04 1.17 13.05
CA GLU A 206 8.74 0.73 13.56
C GLU A 206 7.68 1.12 12.52
N ALA A 207 6.60 0.34 12.52
CA ALA A 207 5.51 0.68 11.60
C ALA A 207 4.47 1.55 12.26
N ILE A 208 4.10 2.67 11.66
CA ILE A 208 2.94 3.47 12.07
C ILE A 208 1.73 2.53 11.94
N GLY A 209 0.78 2.61 12.87
CA GLY A 209 -0.34 1.65 12.82
C GLY A 209 -1.22 2.00 11.62
N GLY A 210 -1.78 0.96 11.03
CA GLY A 210 -2.77 1.15 9.96
C GLY A 210 -2.14 0.73 8.64
N ILE A 211 -2.43 -0.46 8.19
CA ILE A 211 -2.01 -0.96 6.87
C ILE A 211 -3.13 -0.52 5.92
N GLN A 212 -2.77 0.20 4.88
CA GLN A 212 -3.84 0.62 3.95
C GLN A 212 -3.90 -0.37 2.81
N LYS A 213 -5.13 -0.85 2.53
CA LYS A 213 -5.29 -1.90 1.54
C LYS A 213 -6.23 -1.45 0.41
N TRP A 214 -5.83 -1.64 -0.84
CA TRP A 214 -6.76 -1.25 -1.95
C TRP A 214 -6.48 -2.14 -3.14
N VAL A 215 -7.43 -2.15 -4.10
CA VAL A 215 -7.46 -3.06 -5.20
C VAL A 215 -7.22 -2.33 -6.53
N ILE A 216 -6.19 -2.74 -7.23
CA ILE A 216 -5.90 -2.14 -8.53
C ILE A 216 -6.01 -3.17 -9.63
N PRO A 217 -6.88 -2.90 -10.64
CA PRO A 217 -7.02 -3.89 -11.71
C PRO A 217 -5.87 -3.85 -12.71
N CYS A 218 -4.67 -4.21 -12.29
CA CYS A 218 -3.52 -4.43 -13.12
C CYS A 218 -2.67 -5.61 -12.66
N ASN A 219 -1.75 -6.00 -13.51
CA ASN A 219 -0.81 -7.07 -13.22
C ASN A 219 0.24 -6.64 -12.17
N TRP A 220 0.61 -7.56 -11.26
CA TRP A 220 1.60 -7.19 -10.22
C TRP A 220 2.94 -6.69 -10.80
N LYS A 221 3.27 -7.25 -11.97
CA LYS A 221 4.59 -6.93 -12.53
C LYS A 221 4.70 -5.47 -12.94
N PHE A 222 3.63 -4.78 -13.28
CA PHE A 222 3.75 -3.35 -13.62
C PHE A 222 4.23 -2.57 -12.39
N ALA A 223 3.70 -2.91 -11.21
CA ALA A 223 3.98 -2.21 -9.97
C ALA A 223 5.36 -2.65 -9.47
N ALA A 224 5.66 -3.95 -9.47
CA ALA A 224 6.97 -4.47 -9.08
C ALA A 224 8.03 -3.79 -9.98
N GLU A 225 7.80 -3.82 -11.30
CA GLU A 225 8.82 -3.17 -12.15
C GLU A 225 8.95 -1.68 -11.86
N GLN A 226 7.91 -0.93 -11.63
CA GLN A 226 8.05 0.52 -11.50
C GLN A 226 8.96 0.83 -10.31
N PHE A 227 8.74 0.11 -9.21
CA PHE A 227 9.57 0.42 -8.03
C PHE A 227 10.96 -0.20 -8.15
N CYS A 228 11.19 -1.11 -9.05
CA CYS A 228 12.46 -1.76 -9.30
C CYS A 228 13.37 -0.81 -10.08
N SER A 229 12.80 -0.16 -11.09
CA SER A 229 13.63 0.38 -12.18
C SER A 229 13.15 1.67 -12.82
N ASP A 230 11.97 2.16 -12.41
CA ASP A 230 11.36 3.23 -13.23
C ASP A 230 11.25 4.55 -12.54
N MET A 231 12.43 5.26 -12.54
CA MET A 231 12.36 6.65 -12.21
C MET A 231 11.90 7.53 -13.40
N TYR A 232 12.05 6.99 -14.59
CA TYR A 232 11.71 7.67 -15.84
C TYR A 232 10.33 8.30 -15.81
N HIS A 233 9.34 7.50 -15.36
CA HIS A 233 7.99 8.04 -15.32
C HIS A 233 7.84 9.24 -14.40
N ALA A 234 8.66 9.34 -13.32
CA ALA A 234 8.59 10.48 -12.45
C ALA A 234 9.42 11.67 -12.94
N GLY A 235 10.43 11.36 -13.76
CA GLY A 235 11.19 12.48 -14.32
C GLY A 235 10.56 13.02 -15.61
N THR A 236 9.42 12.46 -16.03
CA THR A 236 8.77 12.96 -17.26
C THR A 236 7.39 13.48 -16.90
N MET A 237 6.36 12.69 -17.23
CA MET A 237 4.99 13.13 -17.25
C MET A 237 4.15 12.76 -16.03
N SER A 238 4.41 11.57 -15.48
CA SER A 238 3.39 10.98 -14.62
C SER A 238 3.09 11.85 -13.40
N HIS A 239 4.07 12.56 -12.84
CA HIS A 239 3.83 13.17 -11.52
C HIS A 239 3.91 14.69 -11.51
N LEU A 240 3.69 15.29 -12.68
CA LEU A 240 3.65 16.74 -12.75
C LEU A 240 2.64 17.34 -11.80
N SER A 241 1.43 16.75 -11.70
CA SER A 241 0.40 17.36 -10.90
C SER A 241 0.63 17.09 -9.40
N GLY A 242 1.28 15.95 -9.21
CA GLY A 242 1.66 15.57 -7.83
C GLY A 242 2.65 16.56 -7.27
N VAL A 243 3.67 16.90 -8.04
CA VAL A 243 4.65 17.93 -7.68
C VAL A 243 4.01 19.27 -7.48
N LEU A 244 3.14 19.64 -8.47
CA LEU A 244 2.39 20.86 -8.36
C LEU A 244 1.59 20.96 -7.06
N ALA A 245 0.96 19.86 -6.63
CA ALA A 245 0.22 19.90 -5.38
C ALA A 245 1.04 20.36 -4.17
N GLY A 246 2.36 20.21 -4.27
CA GLY A 246 3.19 20.54 -3.11
C GLY A 246 3.71 21.96 -3.15
N LEU A 247 3.48 22.68 -4.25
CA LEU A 247 4.07 24.02 -4.38
C LEU A 247 3.21 25.09 -3.75
N PRO A 248 3.87 26.14 -3.24
CA PRO A 248 3.17 27.29 -2.70
C PRO A 248 2.46 28.02 -3.84
N PRO A 249 1.41 28.72 -3.48
CA PRO A 249 0.58 29.47 -4.42
C PRO A 249 1.39 30.32 -5.39
N GLU A 250 2.54 30.81 -4.93
CA GLU A 250 3.35 31.72 -5.73
C GLU A 250 4.17 30.99 -6.77
N MET A 251 4.22 29.65 -6.68
CA MET A 251 5.00 28.93 -7.67
C MET A 251 4.15 28.05 -8.57
N ASP A 252 4.68 27.81 -9.76
CA ASP A 252 4.09 26.91 -10.73
C ASP A 252 5.17 25.99 -11.31
N LEU A 253 4.80 25.12 -12.24
CA LEU A 253 5.70 24.07 -12.70
C LEU A 253 6.86 24.63 -13.53
N THR A 254 6.76 25.92 -13.86
CA THR A 254 7.77 26.62 -14.63
C THR A 254 8.98 26.94 -13.76
N GLN A 255 8.88 26.70 -12.46
CA GLN A 255 9.97 27.04 -11.55
C GLN A 255 10.56 25.80 -10.89
N ILE A 256 10.32 24.67 -11.51
CA ILE A 256 10.86 23.39 -11.06
C ILE A 256 11.83 22.90 -12.13
N GLN A 257 13.05 22.64 -11.67
CA GLN A 257 14.15 22.28 -12.55
C GLN A 257 14.08 20.80 -12.91
N LEU A 258 14.62 20.49 -14.09
CA LEU A 258 14.62 19.10 -14.51
C LEU A 258 15.59 18.27 -13.67
N SER A 259 15.25 16.99 -13.53
CA SER A 259 16.22 16.18 -12.79
C SER A 259 16.76 15.11 -13.74
N LYS A 260 18.07 15.09 -13.82
CA LYS A 260 18.89 14.38 -14.77
C LYS A 260 20.07 13.63 -14.19
N ASN A 261 20.40 13.80 -12.91
N ASN A 261 20.42 13.81 -12.91
CA ASN A 261 21.60 13.11 -12.42
CA ASN A 261 21.61 13.14 -12.38
C ASN A 261 21.28 12.06 -11.36
C ASN A 261 21.26 12.05 -11.35
N GLY A 262 21.67 10.84 -11.66
CA GLY A 262 21.47 9.71 -10.74
C GLY A 262 21.82 8.39 -11.33
N ASN A 263 21.53 7.30 -10.57
CA ASN A 263 21.92 6.00 -11.00
C ASN A 263 20.82 4.98 -10.56
N GLN A 264 21.03 3.81 -11.11
CA GLN A 264 20.18 2.68 -10.70
C GLN A 264 21.07 1.46 -10.59
N PHE A 265 20.57 0.50 -9.80
CA PHE A 265 21.23 -0.73 -9.42
C PHE A 265 20.40 -1.95 -9.84
N ARG A 266 21.10 -2.91 -10.38
CA ARG A 266 20.57 -4.23 -10.74
C ARG A 266 21.20 -5.31 -9.86
N SER A 267 20.44 -6.06 -9.07
CA SER A 267 21.15 -7.05 -8.22
C SER A 267 21.82 -8.15 -9.03
N ALA A 268 22.95 -8.65 -8.50
CA ALA A 268 23.70 -9.72 -9.15
C ALA A 268 22.92 -11.00 -9.44
N TRP A 269 21.96 -11.23 -8.55
CA TRP A 269 21.03 -12.35 -8.65
C TRP A 269 19.69 -11.90 -8.05
N GLY A 270 18.60 -12.39 -8.65
CA GLY A 270 17.31 -12.34 -8.02
C GLY A 270 16.38 -11.27 -8.51
N GLY A 271 16.68 -10.40 -9.49
CA GLY A 271 15.58 -9.53 -9.87
C GLY A 271 15.32 -8.30 -9.08
N HIS A 272 16.15 -8.00 -8.05
CA HIS A 272 16.04 -6.80 -7.28
C HIS A 272 16.61 -5.55 -7.99
N GLY A 273 16.06 -4.43 -7.58
CA GLY A 273 16.40 -3.17 -8.22
C GLY A 273 16.20 -1.95 -7.41
N ALA A 274 17.06 -0.92 -7.57
CA ALA A 274 16.83 0.34 -6.96
C ALA A 274 17.30 1.53 -7.85
N GLY A 275 16.78 2.69 -7.66
CA GLY A 275 17.27 3.90 -8.36
C GLY A 275 17.06 5.12 -7.48
N TRP A 276 17.81 6.19 -7.81
CA TRP A 276 17.83 7.39 -7.00
C TRP A 276 18.46 8.56 -7.80
N PHE A 277 18.22 9.77 -7.38
CA PHE A 277 18.88 10.98 -7.87
C PHE A 277 20.09 11.27 -6.98
N ILE A 278 21.06 12.01 -7.55
CA ILE A 278 22.26 12.28 -6.74
C ILE A 278 22.38 13.78 -6.53
N ASN A 279 22.61 14.17 -5.28
CA ASN A 279 23.00 15.52 -4.90
C ASN A 279 21.99 16.55 -5.36
N ASP A 280 20.73 16.12 -5.39
CA ASP A 280 19.62 17.01 -5.69
C ASP A 280 18.40 16.58 -4.87
N SER A 281 18.13 17.42 -3.90
CA SER A 281 17.13 16.96 -2.92
C SER A 281 15.72 17.31 -3.36
N SER A 282 15.54 17.91 -4.54
CA SER A 282 14.22 18.43 -4.90
C SER A 282 13.15 17.35 -5.13
N ILE A 283 13.60 16.19 -5.56
CA ILE A 283 12.64 15.09 -5.75
C ILE A 283 12.08 14.73 -4.39
N LEU A 284 13.02 14.65 -3.43
CA LEU A 284 12.62 14.32 -2.07
C LEU A 284 11.77 15.40 -1.43
N LEU A 285 12.21 16.66 -1.46
CA LEU A 285 11.50 17.83 -1.00
C LEU A 285 10.06 17.91 -1.49
N SER A 286 9.79 17.51 -2.73
CA SER A 286 8.43 17.66 -3.22
C SER A 286 7.52 16.65 -2.51
N VAL A 287 8.11 15.50 -2.16
CA VAL A 287 7.25 14.48 -1.54
C VAL A 287 7.20 14.57 -0.04
N VAL A 288 8.37 14.75 0.58
CA VAL A 288 8.45 14.68 2.05
C VAL A 288 8.55 16.02 2.76
N GLY A 289 8.83 17.14 2.06
CA GLY A 289 8.84 18.39 2.79
C GLY A 289 10.24 18.72 3.35
N PRO A 290 10.36 19.95 3.79
CA PRO A 290 11.69 20.40 4.19
C PRO A 290 12.13 19.81 5.52
N LYS A 291 11.17 19.51 6.40
CA LYS A 291 11.55 19.01 7.73
C LYS A 291 12.17 17.63 7.64
N ILE A 292 11.48 16.73 6.92
CA ILE A 292 12.07 15.42 6.68
C ILE A 292 13.34 15.55 5.86
N THR A 293 13.40 16.46 4.87
CA THR A 293 14.63 16.51 4.04
C THR A 293 15.87 16.85 4.92
N GLN A 294 15.65 17.74 5.86
CA GLN A 294 16.74 18.13 6.78
C GLN A 294 17.13 16.97 7.64
N TYR A 295 16.12 16.31 8.23
CA TYR A 295 16.40 15.11 9.05
C TYR A 295 17.14 14.07 8.27
N TRP A 296 16.77 13.85 6.98
CA TRP A 296 17.41 12.82 6.19
C TRP A 296 18.87 13.13 5.86
N THR A 297 19.20 14.43 5.83
CA THR A 297 20.51 14.84 5.35
C THR A 297 21.47 15.44 6.35
N GLN A 298 20.99 16.02 7.43
CA GLN A 298 21.87 16.85 8.27
C GLN A 298 21.58 16.66 9.74
N GLY A 299 22.63 16.66 10.55
CA GLY A 299 22.46 16.47 11.99
C GLY A 299 22.83 15.06 12.39
N PRO A 300 22.69 14.78 13.69
CA PRO A 300 23.09 13.51 14.26
C PRO A 300 22.44 12.26 13.68
N ALA A 301 21.16 12.37 13.30
CA ALA A 301 20.56 11.13 12.78
C ALA A 301 21.13 10.75 11.43
N ALA A 302 21.32 11.78 10.60
CA ALA A 302 21.90 11.51 9.27
C ALA A 302 23.35 11.05 9.37
N GLU A 303 24.09 11.66 10.33
CA GLU A 303 25.49 11.25 10.49
C GLU A 303 25.63 9.79 10.87
N LYS A 304 24.74 9.44 11.83
CA LYS A 304 24.77 8.03 12.25
C LYS A 304 24.38 7.08 11.12
N ALA A 305 23.36 7.47 10.32
CA ALA A 305 23.04 6.62 9.16
C ALA A 305 24.19 6.37 8.21
N ALA A 306 24.95 7.46 8.03
CA ALA A 306 26.06 7.31 7.08
C ALA A 306 27.12 6.38 7.65
N ARG A 307 27.29 6.37 8.98
CA ARG A 307 28.23 5.39 9.53
C ARG A 307 27.74 3.96 9.43
N ARG A 308 26.39 3.82 9.55
CA ARG A 308 25.78 2.49 9.56
C ARG A 308 25.62 1.85 8.19
N VAL A 309 25.58 2.69 7.15
CA VAL A 309 25.55 2.15 5.79
C VAL A 309 26.73 2.63 4.98
N PRO A 310 27.94 2.17 5.32
CA PRO A 310 29.16 2.71 4.72
C PRO A 310 29.41 2.31 3.27
N GLN A 311 28.70 1.34 2.74
CA GLN A 311 28.89 0.83 1.40
C GLN A 311 28.36 1.75 0.29
N LEU A 312 27.60 2.74 0.67
CA LEU A 312 26.85 3.66 -0.17
C LEU A 312 27.03 5.10 0.27
N PRO A 313 27.05 6.08 -0.64
CA PRO A 313 27.07 7.48 -0.20
C PRO A 313 25.68 7.98 0.12
N ILE A 314 25.13 7.46 1.24
CA ILE A 314 23.70 7.64 1.40
C ILE A 314 23.27 9.08 1.52
N LEU A 315 24.16 10.01 1.98
CA LEU A 315 23.69 11.37 2.11
C LEU A 315 23.60 12.10 0.75
N ASP A 316 24.12 11.48 -0.27
CA ASP A 316 24.05 12.08 -1.62
C ASP A 316 22.88 11.50 -2.40
N MET A 317 22.14 10.54 -1.86
CA MET A 317 21.06 9.84 -2.56
C MET A 317 19.69 10.37 -2.24
N PHE A 318 18.84 10.63 -3.27
CA PHE A 318 17.57 11.26 -3.07
C PHE A 318 16.46 10.58 -3.91
N GLY A 319 15.34 10.40 -3.20
CA GLY A 319 14.12 9.86 -3.83
C GLY A 319 14.26 8.47 -4.35
N GLN A 320 14.96 7.62 -3.61
CA GLN A 320 15.22 6.25 -3.98
C GLN A 320 13.95 5.41 -4.10
N HIS A 321 13.93 4.58 -5.10
CA HIS A 321 12.89 3.53 -5.18
C HIS A 321 13.53 2.17 -5.12
N MET A 322 12.80 1.12 -4.69
CA MET A 322 13.32 -0.19 -4.71
C MET A 322 12.24 -1.30 -4.76
N THR A 323 12.60 -2.37 -5.39
CA THR A 323 11.87 -3.63 -5.25
C THR A 323 12.83 -4.75 -4.91
N VAL A 324 12.44 -5.46 -3.86
CA VAL A 324 12.93 -6.78 -3.52
C VAL A 324 11.95 -7.78 -4.18
N PHE A 325 12.41 -8.45 -5.20
CA PHE A 325 11.64 -9.37 -6.04
C PHE A 325 11.01 -10.44 -5.18
N PRO A 326 9.78 -10.88 -5.47
CA PRO A 326 8.96 -10.35 -6.56
C PRO A 326 8.16 -9.12 -6.23
N THR A 327 7.68 -8.98 -4.97
CA THR A 327 6.64 -7.99 -4.70
C THR A 327 6.80 -7.14 -3.46
N CYS A 328 8.05 -6.95 -2.97
CA CYS A 328 8.26 -6.04 -1.85
C CYS A 328 8.91 -4.75 -2.34
N SER A 329 8.15 -3.67 -2.26
CA SER A 329 8.59 -2.38 -2.81
C SER A 329 8.48 -1.27 -1.81
N PHE A 330 9.40 -0.26 -1.88
CA PHE A 330 9.42 0.82 -0.96
C PHE A 330 10.22 2.03 -1.48
N LEU A 331 10.05 3.14 -0.79
CA LEU A 331 10.72 4.40 -1.19
C LEU A 331 11.51 5.01 -0.04
N PRO A 332 12.77 4.62 0.08
CA PRO A 332 13.56 5.09 1.23
C PRO A 332 13.58 6.62 1.21
N GLY A 333 13.28 7.16 2.38
CA GLY A 333 13.20 8.59 2.61
C GLY A 333 11.84 9.22 2.61
N ILE A 334 10.95 8.61 1.82
N ILE A 334 10.95 8.60 1.81
CA ILE A 334 9.51 8.83 1.99
CA ILE A 334 9.51 8.75 1.89
C ILE A 334 8.98 7.81 2.99
C ILE A 334 8.97 7.80 2.97
N ASN A 335 9.51 6.60 2.89
CA ASN A 335 9.34 5.50 3.81
C ASN A 335 7.97 4.81 3.69
N THR A 336 7.36 4.93 2.50
CA THR A 336 6.23 4.02 2.20
C THR A 336 6.81 2.65 1.87
N ILE A 337 6.14 1.56 2.29
CA ILE A 337 6.54 0.21 1.98
C ILE A 337 5.24 -0.60 1.72
N ARG A 338 5.34 -1.50 0.77
CA ARG A 338 4.08 -2.23 0.47
C ARG A 338 4.39 -3.57 -0.15
N THR A 339 3.45 -4.53 -0.07
CA THR A 339 3.52 -5.74 -0.81
C THR A 339 2.42 -5.71 -1.91
N TRP A 340 2.78 -6.19 -3.06
CA TRP A 340 1.73 -6.29 -4.12
C TRP A 340 1.17 -7.72 -4.05
N HIS A 341 -0.03 -7.90 -3.47
CA HIS A 341 -0.57 -9.27 -3.55
C HIS A 341 -1.26 -9.55 -4.89
N PRO A 342 -0.84 -10.57 -5.61
CA PRO A 342 -1.47 -10.83 -6.92
C PRO A 342 -2.91 -11.39 -6.75
N ARG A 343 -3.81 -11.08 -7.67
CA ARG A 343 -5.20 -11.51 -7.68
C ARG A 343 -5.62 -11.91 -9.10
N GLY A 344 -4.87 -12.78 -9.73
CA GLY A 344 -5.00 -13.15 -11.12
C GLY A 344 -4.07 -12.23 -11.96
N PRO A 345 -4.03 -12.47 -13.26
CA PRO A 345 -3.15 -11.67 -14.12
C PRO A 345 -3.58 -10.22 -14.21
N ASN A 346 -4.86 -9.91 -13.92
CA ASN A 346 -5.44 -8.64 -14.18
C ASN A 346 -5.78 -7.82 -12.95
N GLU A 347 -5.25 -8.16 -11.75
CA GLU A 347 -5.60 -7.48 -10.54
C GLU A 347 -4.49 -7.71 -9.47
N VAL A 348 -4.41 -6.73 -8.60
CA VAL A 348 -3.50 -6.77 -7.46
C VAL A 348 -4.14 -6.06 -6.28
N GLU A 349 -3.75 -6.39 -5.04
CA GLU A 349 -4.07 -5.60 -3.88
C GLU A 349 -2.73 -4.92 -3.41
N VAL A 350 -2.90 -3.66 -3.13
CA VAL A 350 -1.72 -3.01 -2.49
C VAL A 350 -1.94 -3.08 -0.98
N TRP A 351 -0.97 -3.62 -0.23
CA TRP A 351 -0.99 -3.54 1.23
C TRP A 351 0.22 -2.71 1.69
N ALA A 352 -0.05 -1.49 2.04
CA ALA A 352 1.03 -0.52 2.34
C ALA A 352 1.02 -0.01 3.75
N PHE A 353 2.24 0.31 4.27
CA PHE A 353 2.27 0.93 5.58
C PHE A 353 3.49 1.87 5.59
N VAL A 354 3.64 2.55 6.69
CA VAL A 354 4.70 3.62 6.77
C VAL A 354 5.68 3.23 7.87
N LEU A 355 6.97 3.31 7.56
CA LEU A 355 7.99 2.96 8.56
C LEU A 355 8.69 4.21 9.05
N VAL A 356 9.05 4.28 10.32
CA VAL A 356 9.80 5.46 10.75
C VAL A 356 10.94 4.97 11.63
N ASP A 357 12.07 5.67 11.74
CA ASP A 357 13.10 5.25 12.69
C ASP A 357 12.50 5.28 14.09
N ALA A 358 12.73 4.22 14.85
CA ALA A 358 12.02 4.16 16.14
C ALA A 358 12.43 5.28 17.09
N ASP A 359 13.62 5.85 16.88
CA ASP A 359 14.08 6.88 17.80
C ASP A 359 13.98 8.26 17.19
N ALA A 360 13.27 8.42 16.08
CA ALA A 360 13.11 9.78 15.55
C ALA A 360 12.31 10.69 16.45
N PRO A 361 12.52 12.01 16.48
CA PRO A 361 11.72 12.90 17.31
C PRO A 361 10.26 12.76 16.89
N GLU A 362 9.33 13.02 17.81
N GLU A 362 9.34 13.01 17.80
CA GLU A 362 7.94 12.72 17.43
CA GLU A 362 7.93 12.76 17.48
C GLU A 362 7.48 13.71 16.38
C GLU A 362 7.49 13.70 16.36
N ASP A 363 8.13 14.87 16.29
CA ASP A 363 7.63 15.80 15.25
C ASP A 363 8.01 15.19 13.90
N ILE A 364 9.12 14.46 13.90
CA ILE A 364 9.56 13.83 12.63
C ILE A 364 8.64 12.67 12.27
N LYS A 365 8.39 11.82 13.26
CA LYS A 365 7.39 10.76 13.03
C LYS A 365 6.08 11.36 12.52
N GLU A 366 5.61 12.48 13.00
CA GLU A 366 4.27 12.99 12.65
C GLU A 366 4.33 13.51 11.22
N GLU A 367 5.47 14.15 10.87
CA GLU A 367 5.65 14.56 9.47
C GLU A 367 5.72 13.42 8.48
N PHE A 368 6.46 12.35 8.73
CA PHE A 368 6.41 11.12 7.94
C PHE A 368 4.93 10.66 7.81
N ARG A 369 4.21 10.62 8.92
CA ARG A 369 2.85 10.10 8.83
C ARG A 369 1.98 10.90 7.86
N LEU A 370 1.95 12.21 8.03
CA LEU A 370 1.08 13.14 7.28
C LEU A 370 1.53 13.29 5.83
N GLN A 371 2.85 13.35 5.62
CA GLN A 371 3.31 13.45 4.23
C GLN A 371 3.03 12.17 3.46
N ASN A 372 3.08 11.00 4.10
CA ASN A 372 2.78 9.72 3.46
C ASN A 372 1.30 9.68 3.04
N ILE A 373 0.41 10.06 3.92
CA ILE A 373 -1.01 10.02 3.52
C ILE A 373 -1.25 10.93 2.32
N ARG A 374 -0.51 12.04 2.26
CA ARG A 374 -0.66 13.09 1.25
C ARG A 374 -0.25 12.59 -0.13
N THR A 375 0.69 11.65 -0.17
CA THR A 375 1.40 11.31 -1.39
C THR A 375 1.30 9.90 -1.88
N PHE A 376 1.68 8.90 -1.09
CA PHE A 376 1.77 7.51 -1.53
C PHE A 376 0.75 6.70 -0.73
N ASN A 377 -0.48 6.80 -1.18
CA ASN A 377 -1.67 6.33 -0.43
C ASN A 377 -2.78 6.17 -1.45
N ALA A 378 -3.76 5.33 -1.16
CA ALA A 378 -4.88 5.26 -2.14
C ALA A 378 -5.43 6.62 -2.55
N GLY A 379 -5.47 7.62 -1.71
CA GLY A 379 -5.95 8.97 -1.90
C GLY A 379 -4.82 9.94 -2.26
N GLY A 380 -3.58 9.43 -2.29
CA GLY A 380 -2.43 10.30 -2.38
C GLY A 380 -2.22 11.00 -3.68
N VAL A 381 -1.51 12.14 -3.65
CA VAL A 381 -1.45 12.88 -4.91
C VAL A 381 -0.42 12.31 -5.86
N PHE A 382 0.50 11.47 -5.40
CA PHE A 382 1.36 10.78 -6.32
C PHE A 382 0.75 9.43 -6.74
N GLU A 383 0.39 8.56 -5.79
CA GLU A 383 -0.10 7.24 -6.14
C GLU A 383 -1.27 7.20 -7.12
N GLN A 384 -2.23 8.14 -7.02
CA GLN A 384 -3.43 7.96 -7.86
C GLN A 384 -3.02 7.99 -9.33
N ASP A 385 -2.06 8.89 -9.63
CA ASP A 385 -1.64 8.89 -11.05
C ASP A 385 -0.83 7.66 -11.45
N ASP A 386 -0.07 7.05 -10.55
CA ASP A 386 0.67 5.84 -10.88
C ASP A 386 -0.27 4.71 -11.31
N GLY A 387 -1.22 4.37 -10.45
CA GLY A 387 -2.18 3.31 -10.73
C GLY A 387 -2.99 3.55 -12.00
N GLU A 388 -3.36 4.79 -12.29
CA GLU A 388 -4.19 5.04 -13.48
C GLU A 388 -3.46 4.51 -14.72
N ASN A 389 -2.13 4.63 -14.69
CA ASN A 389 -1.34 4.12 -15.80
C ASN A 389 -1.43 2.60 -15.92
N TRP A 390 -1.23 1.86 -14.83
CA TRP A 390 -1.24 0.42 -14.87
C TRP A 390 -2.62 -0.12 -15.31
N VAL A 391 -3.65 0.51 -14.83
CA VAL A 391 -5.03 0.07 -15.10
C VAL A 391 -5.35 0.22 -16.59
N GLU A 392 -4.92 1.34 -17.16
CA GLU A 392 -5.16 1.52 -18.62
C GLU A 392 -4.34 0.59 -19.46
N ILE A 393 -3.06 0.33 -19.07
CA ILE A 393 -2.36 -0.70 -19.80
C ILE A 393 -3.10 -2.04 -19.83
N GLN A 394 -3.58 -2.43 -18.64
CA GLN A 394 -4.21 -3.74 -18.49
C GLN A 394 -5.44 -3.82 -19.39
N ARG A 395 -6.22 -2.75 -19.35
CA ARG A 395 -7.43 -2.74 -20.18
C ARG A 395 -7.14 -3.00 -21.66
N VAL A 396 -6.13 -2.28 -22.16
CA VAL A 396 -5.73 -2.45 -23.57
C VAL A 396 -5.30 -3.85 -23.93
N MET A 397 -4.58 -4.60 -23.08
CA MET A 397 -4.10 -5.94 -23.28
C MET A 397 -5.20 -6.99 -23.40
N ARG A 398 -6.44 -6.57 -23.21
CA ARG A 398 -7.54 -7.48 -23.53
C ARG A 398 -7.62 -7.74 -25.02
N GLY A 399 -7.12 -6.74 -25.79
CA GLY A 399 -7.07 -6.96 -27.23
C GLY A 399 -6.24 -8.10 -27.71
N HIS A 400 -6.65 -8.78 -28.79
CA HIS A 400 -5.89 -9.87 -29.37
C HIS A 400 -4.54 -9.49 -29.97
N LYS A 401 -4.46 -8.35 -30.67
CA LYS A 401 -3.17 -7.92 -31.19
C LYS A 401 -2.37 -7.35 -30.03
N ALA A 402 -3.05 -6.54 -29.22
CA ALA A 402 -2.44 -5.82 -28.11
C ALA A 402 -1.78 -6.74 -27.09
N LYS A 403 -2.36 -7.91 -26.87
CA LYS A 403 -1.79 -8.82 -25.87
C LYS A 403 -0.52 -9.50 -26.34
N SER A 404 -0.20 -9.47 -27.64
CA SER A 404 1.01 -10.15 -28.10
C SER A 404 2.10 -9.17 -28.56
N THR A 405 1.92 -7.90 -28.29
CA THR A 405 2.87 -6.87 -28.68
C THR A 405 4.25 -7.15 -28.09
N SER A 406 5.26 -6.81 -28.89
CA SER A 406 6.67 -6.83 -28.43
C SER A 406 6.96 -5.42 -27.94
N LEU A 407 7.25 -5.30 -26.66
CA LEU A 407 7.42 -4.05 -25.93
C LEU A 407 8.92 -3.71 -25.80
N CYS A 408 9.18 -2.44 -25.72
CA CYS A 408 10.59 -1.99 -25.69
C CYS A 408 11.19 -1.97 -24.26
N ALA A 409 12.10 -2.88 -24.01
CA ALA A 409 12.86 -2.75 -22.76
C ALA A 409 14.31 -2.40 -23.05
N LYS A 410 14.53 -1.63 -24.11
CA LYS A 410 15.90 -1.38 -24.59
C LYS A 410 16.59 -0.25 -23.83
N MET A 411 15.90 0.60 -23.08
CA MET A 411 16.51 1.83 -22.57
C MET A 411 17.80 1.57 -21.78
N GLY A 412 18.90 2.15 -22.25
CA GLY A 412 20.18 1.91 -21.57
C GLY A 412 20.92 0.71 -22.11
N LEU A 413 20.26 -0.18 -22.84
CA LEU A 413 20.91 -1.41 -23.32
C LEU A 413 22.09 -1.03 -24.23
N ASN A 414 23.24 -1.54 -23.82
CA ASN A 414 24.50 -1.40 -24.53
C ASN A 414 24.88 0.05 -24.73
N VAL A 415 24.34 0.92 -23.87
CA VAL A 415 24.72 2.31 -23.72
C VAL A 415 25.87 2.42 -22.72
N PRO A 416 27.06 2.78 -23.18
CA PRO A 416 28.23 2.68 -22.31
C PRO A 416 28.42 3.84 -21.35
N ASN A 417 29.21 3.53 -20.32
CA ASN A 417 29.67 4.52 -19.36
C ASN A 417 28.58 5.21 -18.55
N LYS A 418 27.57 4.43 -18.16
CA LYS A 418 26.50 4.89 -17.27
C LYS A 418 26.57 4.33 -15.85
N ASN A 419 27.54 3.50 -15.53
CA ASN A 419 27.72 2.94 -14.18
C ASN A 419 28.35 3.98 -13.26
N ASN A 420 28.36 3.68 -11.97
CA ASN A 420 28.88 4.58 -10.94
C ASN A 420 29.68 3.76 -9.94
N PRO A 421 31.01 3.84 -9.94
CA PRO A 421 31.82 3.01 -9.04
C PRO A 421 31.67 3.29 -7.54
N ALA A 422 30.89 4.27 -7.14
CA ALA A 422 30.63 4.69 -5.77
C ALA A 422 29.68 3.69 -5.10
N TYR A 423 29.00 2.92 -5.95
CA TYR A 423 27.94 2.01 -5.52
C TYR A 423 28.28 0.55 -5.78
N PRO A 424 27.91 -0.37 -4.87
CA PRO A 424 28.20 -1.77 -5.11
C PRO A 424 27.32 -2.41 -6.18
N GLY A 425 27.90 -3.40 -6.86
CA GLY A 425 27.20 -4.17 -7.86
C GLY A 425 27.04 -3.50 -9.21
N LYS A 426 26.08 -3.98 -10.01
CA LYS A 426 25.86 -3.41 -11.36
C LYS A 426 25.01 -2.17 -11.32
N THR A 427 25.49 -1.05 -11.88
CA THR A 427 24.76 0.19 -11.95
C THR A 427 24.68 0.70 -13.40
N ALA A 428 23.72 1.59 -13.55
CA ALA A 428 23.36 2.20 -14.84
C ALA A 428 22.74 3.56 -14.55
N TYR A 429 22.25 4.28 -15.56
CA TYR A 429 21.72 5.62 -15.38
C TYR A 429 20.42 5.64 -14.58
N VAL A 430 20.05 6.74 -13.92
CA VAL A 430 18.75 6.74 -13.19
C VAL A 430 17.62 6.49 -14.16
N TYR A 431 17.74 6.99 -15.39
CA TYR A 431 16.78 6.66 -16.46
C TYR A 431 17.37 5.54 -17.30
N ALA A 432 16.94 4.34 -16.87
CA ALA A 432 17.41 3.11 -17.47
C ALA A 432 16.43 1.94 -17.16
N GLU A 433 16.61 0.88 -17.92
CA GLU A 433 15.80 -0.34 -17.74
C GLU A 433 16.68 -1.53 -17.48
N GLU A 434 17.90 -1.32 -16.94
CA GLU A 434 18.78 -2.41 -16.56
C GLU A 434 18.21 -3.22 -15.38
N ALA A 435 17.78 -2.48 -14.36
CA ALA A 435 17.13 -3.15 -13.23
C ALA A 435 15.89 -3.93 -13.73
N ALA A 436 15.14 -3.22 -14.60
CA ALA A 436 13.93 -3.87 -15.13
C ALA A 436 14.27 -5.10 -15.93
N ARG A 437 15.27 -5.02 -16.83
CA ARG A 437 15.70 -6.20 -17.55
C ARG A 437 16.10 -7.33 -16.60
N GLY A 438 16.83 -7.02 -15.53
CA GLY A 438 17.17 -8.13 -14.62
C GLY A 438 15.93 -8.72 -13.94
N MET A 439 14.95 -7.89 -13.65
CA MET A 439 13.70 -8.35 -13.02
C MET A 439 13.01 -9.39 -13.89
N TYR A 440 12.78 -9.01 -15.16
CA TYR A 440 12.16 -9.96 -16.11
C TYR A 440 13.03 -11.15 -16.44
N HIS A 441 14.36 -10.95 -16.55
CA HIS A 441 15.27 -12.07 -16.74
C HIS A 441 15.12 -13.03 -15.56
N HIS A 442 15.13 -12.47 -14.34
CA HIS A 442 14.95 -13.37 -13.16
C HIS A 442 13.59 -14.06 -13.18
N TRP A 443 12.51 -13.35 -13.46
CA TRP A 443 11.18 -13.99 -13.61
C TRP A 443 11.24 -15.16 -14.58
N SER A 444 11.87 -14.95 -15.75
N SER A 444 11.87 -14.93 -15.73
CA SER A 444 11.94 -16.02 -16.74
CA SER A 444 12.04 -15.94 -16.77
C SER A 444 12.76 -17.20 -16.23
C SER A 444 12.76 -17.17 -16.24
N ARG A 445 13.76 -16.99 -15.38
CA ARG A 445 14.49 -18.12 -14.82
C ARG A 445 13.62 -18.93 -13.88
N MET A 446 12.95 -18.21 -12.98
CA MET A 446 12.09 -18.87 -11.99
C MET A 446 11.00 -19.67 -12.70
N MET A 447 10.56 -19.12 -13.82
CA MET A 447 9.40 -19.68 -14.53
C MET A 447 9.82 -20.90 -15.37
N SER A 448 11.08 -20.98 -15.76
CA SER A 448 11.54 -22.04 -16.66
C SER A 448 12.47 -23.07 -16.04
N GLU A 449 13.05 -22.82 -14.88
CA GLU A 449 13.97 -23.78 -14.23
C GLU A 449 13.33 -24.49 -13.06
N PRO A 450 13.00 -25.78 -13.16
CA PRO A 450 12.31 -26.49 -12.10
C PRO A 450 13.06 -26.60 -10.77
N SER A 451 14.38 -26.50 -10.72
CA SER A 451 15.02 -26.81 -9.43
C SER A 451 16.02 -25.74 -9.03
N TRP A 452 16.12 -25.52 -7.72
CA TRP A 452 17.11 -24.65 -7.09
C TRP A 452 18.51 -25.13 -7.43
N ASP A 453 18.69 -26.39 -7.84
CA ASP A 453 19.95 -26.92 -8.30
C ASP A 453 20.63 -25.96 -9.28
N THR A 454 19.82 -25.41 -10.19
CA THR A 454 20.37 -24.45 -11.14
C THR A 454 20.00 -23.01 -10.79
N LEU A 455 18.82 -22.80 -10.21
CA LEU A 455 18.31 -21.45 -9.96
C LEU A 455 19.04 -20.68 -8.87
N LYS A 456 19.57 -21.38 -7.87
CA LYS A 456 20.22 -20.71 -6.76
C LYS A 456 21.46 -19.91 -7.19
N PRO A 457 21.76 -18.85 -6.46
CA PRO A 457 22.95 -18.03 -6.77
C PRO A 457 24.21 -18.86 -6.62
N MET B 1 -21.70 14.95 19.72
CA MET B 1 -20.49 15.03 20.56
C MET B 1 -19.30 14.75 19.64
N ILE B 2 -18.38 15.71 19.51
CA ILE B 2 -17.34 15.62 18.50
C ILE B 2 -16.43 14.40 18.61
N SER B 3 -16.17 13.83 19.81
CA SER B 3 -15.29 12.70 20.00
C SER B 3 -16.06 11.41 20.31
N THR B 4 -17.35 11.34 19.95
CA THR B 4 -18.02 10.03 19.95
C THR B 4 -17.28 9.06 19.06
N PRO B 5 -17.06 7.80 19.44
CA PRO B 5 -16.42 6.81 18.60
C PRO B 5 -17.17 6.65 17.28
N LEU B 6 -16.40 6.40 16.22
CA LEU B 6 -17.08 6.28 14.92
C LEU B 6 -17.89 4.99 14.90
N SER B 7 -17.57 4.06 15.80
CA SER B 7 -18.36 2.82 15.84
C SER B 7 -19.69 3.08 16.49
N LYS B 8 -19.90 4.16 17.17
CA LYS B 8 -21.08 4.46 17.93
C LYS B 8 -22.03 5.39 17.18
N GLU B 9 -23.34 5.22 17.40
CA GLU B 9 -24.26 6.16 16.77
C GLU B 9 -24.06 7.61 17.17
N PHE B 10 -24.43 8.50 16.27
CA PHE B 10 -24.48 9.95 16.46
C PHE B 10 -25.31 10.36 17.66
N GLU B 11 -24.73 11.31 18.40
CA GLU B 11 -25.43 11.78 19.61
C GLU B 11 -26.37 12.91 19.28
N TRP B 12 -27.50 12.56 18.64
CA TRP B 12 -28.50 13.58 18.31
C TRP B 12 -29.08 14.26 19.55
N PRO B 13 -29.52 15.50 19.41
CA PRO B 13 -30.15 16.30 20.45
C PRO B 13 -31.51 15.72 20.82
N ALA B 14 -31.89 15.96 22.08
CA ALA B 14 -33.09 15.35 22.65
C ALA B 14 -34.28 15.47 21.71
N LYS B 15 -34.46 16.63 21.10
CA LYS B 15 -35.49 16.84 20.10
C LYS B 15 -34.80 17.41 18.84
N PRO B 16 -35.36 17.09 17.69
CA PRO B 16 -34.80 17.61 16.45
C PRO B 16 -34.82 19.13 16.40
N VAL B 17 -33.86 19.65 15.65
CA VAL B 17 -33.75 21.08 15.37
C VAL B 17 -34.94 21.59 14.55
N SER B 18 -35.04 22.92 14.44
CA SER B 18 -36.15 23.52 13.71
C SER B 18 -36.16 23.11 12.24
N LEU B 19 -37.35 23.27 11.67
CA LEU B 19 -37.47 22.96 10.25
C LEU B 19 -36.56 23.87 9.41
N GLU B 20 -36.48 25.10 9.88
CA GLU B 20 -35.76 26.12 9.08
C GLU B 20 -34.29 25.76 9.04
N LEU B 21 -33.77 25.41 10.21
CA LEU B 21 -32.36 25.01 10.25
C LEU B 21 -32.08 23.74 9.48
N GLN B 22 -32.97 22.71 9.57
CA GLN B 22 -32.82 21.49 8.79
C GLN B 22 -32.73 21.81 7.29
N HIS B 23 -33.64 22.68 6.85
CA HIS B 23 -33.69 23.06 5.43
C HIS B 23 -32.40 23.78 5.02
N GLN B 24 -31.98 24.78 5.76
CA GLN B 24 -30.68 25.45 5.44
C GLN B 24 -29.54 24.49 5.36
N VAL B 25 -29.36 23.55 6.32
CA VAL B 25 -28.28 22.59 6.26
C VAL B 25 -28.37 21.62 5.07
N GLU B 26 -29.55 21.01 4.84
CA GLU B 26 -29.75 20.18 3.68
C GLU B 26 -29.45 20.95 2.37
N GLN B 27 -29.94 22.16 2.28
CA GLN B 27 -29.77 22.93 1.04
C GLN B 27 -28.29 23.23 0.83
N PHE B 28 -27.59 23.54 1.93
CA PHE B 28 -26.13 23.66 1.82
C PHE B 28 -25.49 22.43 1.27
N TYR B 29 -25.77 21.23 1.81
CA TYR B 29 -25.21 20.00 1.32
C TYR B 29 -25.52 19.66 -0.14
N TYR B 30 -26.76 20.03 -0.57
CA TYR B 30 -27.11 19.77 -1.96
C TYR B 30 -26.29 20.70 -2.88
N ARG B 31 -26.10 21.94 -2.48
CA ARG B 31 -25.22 22.85 -3.27
C ARG B 31 -23.78 22.36 -3.27
N GLU B 32 -23.25 21.95 -2.09
CA GLU B 32 -21.91 21.35 -2.09
C GLU B 32 -21.77 20.21 -3.07
N ALA B 33 -22.78 19.27 -3.08
CA ALA B 33 -22.68 18.16 -4.00
C ALA B 33 -22.75 18.56 -5.48
N GLN B 34 -23.51 19.60 -5.76
CA GLN B 34 -23.60 20.14 -7.12
C GLN B 34 -22.19 20.60 -7.56
N LEU B 35 -21.55 21.34 -6.64
CA LEU B 35 -20.18 21.79 -7.00
C LEU B 35 -19.23 20.67 -7.29
N LEU B 36 -19.22 19.63 -6.41
CA LEU B 36 -18.39 18.49 -6.69
C LEU B 36 -18.73 17.71 -7.96
N ASP B 37 -20.08 17.54 -8.13
CA ASP B 37 -20.51 16.66 -9.21
C ASP B 37 -20.38 17.40 -10.57
N HIS B 38 -20.09 18.67 -10.51
CA HIS B 38 -19.90 19.45 -11.75
C HIS B 38 -18.46 19.96 -11.79
N HIS B 39 -17.62 19.36 -10.95
CA HIS B 39 -16.18 19.63 -10.92
C HIS B 39 -15.84 21.11 -10.74
N ALA B 40 -16.63 21.83 -9.97
CA ALA B 40 -16.42 23.22 -9.54
C ALA B 40 -15.45 23.19 -8.32
N PHE B 41 -14.24 22.72 -8.51
CA PHE B 41 -13.30 22.49 -7.38
C PHE B 41 -12.85 23.75 -6.68
N GLN B 42 -12.52 24.82 -7.38
CA GLN B 42 -12.24 26.07 -6.68
C GLN B 42 -13.41 26.54 -5.81
N ALA B 43 -14.66 26.43 -6.30
CA ALA B 43 -15.82 26.95 -5.60
C ALA B 43 -16.08 26.08 -4.38
N TRP B 44 -15.84 24.77 -4.59
CA TRP B 44 -16.00 23.83 -3.47
C TRP B 44 -14.96 24.14 -2.39
N PHE B 45 -13.72 24.33 -2.84
CA PHE B 45 -12.67 24.58 -1.82
C PHE B 45 -12.93 25.82 -1.02
N ALA B 46 -13.59 26.82 -1.61
CA ALA B 46 -13.94 28.01 -0.86
C ALA B 46 -14.82 27.69 0.35
N LEU B 47 -15.50 26.55 0.33
CA LEU B 47 -16.36 26.17 1.44
C LEU B 47 -15.61 25.61 2.64
N LEU B 48 -14.34 25.28 2.46
CA LEU B 48 -13.52 24.72 3.55
C LEU B 48 -12.94 25.84 4.42
N ALA B 49 -13.20 25.75 5.71
CA ALA B 49 -12.68 26.80 6.58
C ALA B 49 -11.16 26.72 6.64
N GLU B 50 -10.59 27.87 7.02
N GLU B 50 -10.61 27.87 7.03
CA GLU B 50 -9.13 27.92 7.12
CA GLU B 50 -9.15 27.95 7.13
C GLU B 50 -8.60 26.93 8.14
C GLU B 50 -8.60 26.94 8.14
N ASP B 51 -9.35 26.63 9.19
CA ASP B 51 -8.93 25.63 10.17
C ASP B 51 -9.49 24.22 9.86
N ILE B 52 -9.92 23.96 8.61
CA ILE B 52 -10.47 22.62 8.30
C ILE B 52 -9.54 21.48 8.69
N HIS B 53 -10.10 20.42 9.29
CA HIS B 53 -9.52 19.11 9.38
C HIS B 53 -10.47 18.10 8.71
N TYR B 54 -9.97 17.51 7.66
CA TYR B 54 -10.67 16.57 6.79
C TYR B 54 -9.96 15.25 6.92
N TRP B 55 -10.68 14.27 7.51
CA TRP B 55 -10.12 13.01 7.81
C TRP B 55 -11.03 11.81 7.45
N MET B 56 -10.41 10.77 6.93
CA MET B 56 -11.08 9.48 6.69
C MET B 56 -10.20 8.35 7.17
N PRO B 57 -10.57 7.83 8.36
CA PRO B 57 -9.78 6.75 8.93
C PRO B 57 -9.93 5.43 8.20
N ILE B 58 -8.97 4.54 8.37
CA ILE B 58 -8.94 3.18 7.93
C ILE B 58 -9.80 2.35 8.92
N ARG B 59 -10.56 1.46 8.32
CA ARG B 59 -11.47 0.51 8.99
C ARG B 59 -10.97 -0.89 8.79
N THR B 60 -10.94 -1.69 9.90
CA THR B 60 -10.34 -3.00 9.82
C THR B 60 -11.41 -4.03 10.25
N VAL B 61 -11.08 -5.28 10.03
CA VAL B 61 -12.05 -6.37 10.27
C VAL B 61 -11.63 -7.05 11.58
N ARG B 62 -12.56 -7.14 12.52
CA ARG B 62 -12.22 -7.69 13.83
C ARG B 62 -13.38 -8.57 14.32
N THR B 63 -12.96 -9.61 15.02
CA THR B 63 -13.91 -10.48 15.70
C THR B 63 -14.32 -9.79 17.02
N ALA B 64 -15.42 -10.26 17.58
CA ALA B 64 -16.09 -9.71 18.73
C ALA B 64 -15.21 -9.12 19.82
N ARG B 65 -14.18 -9.82 20.27
CA ARG B 65 -13.49 -9.30 21.45
C ARG B 65 -12.46 -8.26 21.06
N GLU B 66 -12.21 -8.10 19.75
CA GLU B 66 -11.29 -6.99 19.42
C GLU B 66 -11.98 -5.92 18.56
N GLN B 67 -13.28 -5.79 18.76
CA GLN B 67 -14.06 -4.80 18.02
C GLN B 67 -13.65 -3.37 18.31
N GLY B 68 -13.13 -3.09 19.52
CA GLY B 68 -12.67 -1.71 19.71
C GLY B 68 -11.45 -1.38 18.86
N LEU B 69 -10.87 -2.32 18.13
CA LEU B 69 -9.74 -2.07 17.24
C LEU B 69 -10.26 -1.81 15.82
N GLU B 70 -11.59 -1.77 15.64
CA GLU B 70 -12.01 -1.58 14.24
C GLU B 70 -11.37 -0.41 13.50
N TYR B 71 -11.50 0.78 14.06
CA TYR B 71 -10.99 1.99 13.46
C TYR B 71 -9.52 2.22 13.78
N VAL B 72 -8.73 2.42 12.72
CA VAL B 72 -7.33 2.85 12.98
C VAL B 72 -7.39 4.22 13.58
N PRO B 73 -6.74 4.51 14.72
CA PRO B 73 -6.98 5.74 15.44
C PRO B 73 -6.36 6.99 14.81
N ALA B 74 -6.85 8.13 15.28
CA ALA B 74 -6.30 9.44 14.97
C ALA B 74 -4.80 9.34 15.30
N GLY B 75 -3.99 10.07 14.54
CA GLY B 75 -2.56 9.99 14.84
C GLY B 75 -1.85 8.80 14.24
N ALA B 76 -2.50 7.98 13.42
CA ALA B 76 -1.91 6.83 12.77
C ALA B 76 -2.20 6.94 11.25
N ASN B 77 -1.90 5.88 10.51
CA ASN B 77 -2.18 5.94 9.04
C ASN B 77 -3.68 6.14 8.78
N ALA B 78 -4.08 6.63 7.61
CA ALA B 78 -5.48 6.99 7.33
C ALA B 78 -5.61 7.17 5.82
N HIS B 79 -6.86 7.27 5.38
CA HIS B 79 -7.08 7.44 3.95
C HIS B 79 -6.96 8.90 3.51
N PHE B 80 -7.49 9.77 4.33
CA PHE B 80 -7.31 11.22 4.26
C PHE B 80 -7.00 11.72 5.68
N ASP B 81 -6.17 12.74 5.70
CA ASP B 81 -5.87 13.42 6.95
C ASP B 81 -5.25 14.78 6.57
N ASP B 82 -6.14 15.73 6.41
CA ASP B 82 -5.82 16.96 5.67
C ASP B 82 -6.19 18.22 6.38
N THR B 83 -5.37 19.25 6.05
CA THR B 83 -5.56 20.61 6.43
C THR B 83 -5.98 21.53 5.27
N HIS B 84 -6.20 22.79 5.56
CA HIS B 84 -6.50 23.75 4.50
C HIS B 84 -5.35 23.79 3.51
N ALA B 85 -4.08 23.84 3.92
CA ALA B 85 -2.94 23.76 3.03
C ALA B 85 -2.86 22.50 2.18
N THR B 86 -3.03 21.29 2.77
CA THR B 86 -2.90 20.10 1.91
C THR B 86 -4.10 19.99 0.98
N MET B 87 -5.27 20.40 1.49
CA MET B 87 -6.46 20.30 0.60
C MET B 87 -6.28 21.26 -0.59
N TYR B 88 -5.65 22.41 -0.33
CA TYR B 88 -5.35 23.36 -1.41
C TYR B 88 -4.52 22.73 -2.51
N GLY B 89 -3.48 21.99 -2.15
CA GLY B 89 -2.61 21.28 -3.06
C GLY B 89 -3.39 20.25 -3.85
N ARG B 90 -4.28 19.52 -3.16
CA ARG B 90 -5.13 18.56 -3.87
C ARG B 90 -5.99 19.21 -4.96
N ILE B 91 -6.53 20.38 -4.61
CA ILE B 91 -7.31 21.20 -5.53
C ILE B 91 -6.43 21.74 -6.66
N ARG B 92 -5.22 22.22 -6.36
CA ARG B 92 -4.33 22.56 -7.47
C ARG B 92 -4.14 21.37 -8.42
N GLN B 93 -3.97 20.15 -7.85
CA GLN B 93 -3.76 19.01 -8.71
C GLN B 93 -5.01 18.76 -9.57
N LYS B 94 -6.18 18.87 -8.91
CA LYS B 94 -7.43 18.57 -9.61
C LYS B 94 -7.75 19.55 -10.74
N THR B 95 -7.24 20.76 -10.67
CA THR B 95 -7.56 21.79 -11.69
C THR B 95 -6.41 22.03 -12.66
N SER B 96 -5.39 21.21 -12.56
CA SER B 96 -4.20 21.40 -13.38
C SER B 96 -4.27 20.93 -14.82
N ASP B 97 -5.19 20.04 -15.15
CA ASP B 97 -5.20 19.26 -16.39
C ASP B 97 -3.99 18.36 -16.56
N LEU B 98 -3.30 17.97 -15.47
CA LEU B 98 -2.23 17.00 -15.53
C LEU B 98 -2.47 15.83 -14.55
N ASN B 99 -3.66 15.83 -13.91
CA ASN B 99 -4.03 14.77 -12.95
C ASN B 99 -4.52 13.58 -13.77
N TRP B 100 -3.64 12.70 -14.17
CA TRP B 100 -3.99 11.59 -15.07
C TRP B 100 -5.09 10.70 -14.48
N ALA B 101 -5.14 10.47 -13.18
CA ALA B 101 -6.29 9.69 -12.66
C ALA B 101 -7.61 10.40 -12.86
N GLU B 102 -7.62 11.72 -13.06
CA GLU B 102 -8.84 12.46 -13.32
C GLU B 102 -8.78 13.14 -14.71
N ASP B 103 -8.02 12.53 -15.61
CA ASP B 103 -7.98 13.14 -16.95
C ASP B 103 -8.05 12.03 -17.98
N PRO B 104 -9.23 11.70 -18.52
CA PRO B 104 -10.49 12.39 -18.33
C PRO B 104 -11.12 12.24 -16.94
N PRO B 105 -11.92 13.23 -16.58
CA PRO B 105 -12.55 13.30 -15.27
C PRO B 105 -13.63 12.23 -15.04
N SER B 106 -13.72 11.87 -13.77
CA SER B 106 -14.78 10.99 -13.29
C SER B 106 -16.12 11.72 -13.35
N ARG B 107 -17.15 10.91 -13.57
CA ARG B 107 -18.52 11.26 -13.44
C ARG B 107 -18.99 10.86 -12.05
N THR B 108 -19.29 11.82 -11.19
CA THR B 108 -19.77 11.48 -9.82
C THR B 108 -21.17 11.95 -9.53
N ARG B 109 -21.87 11.29 -8.57
CA ARG B 109 -23.12 11.74 -8.01
C ARG B 109 -23.01 11.59 -6.47
N HIS B 110 -23.17 12.67 -5.75
CA HIS B 110 -23.14 12.54 -4.28
C HIS B 110 -24.56 12.60 -3.78
N LEU B 111 -25.15 11.43 -3.49
CA LEU B 111 -26.48 11.58 -2.90
C LEU B 111 -26.39 11.82 -1.41
N VAL B 112 -27.05 12.83 -0.88
CA VAL B 112 -27.01 13.28 0.50
C VAL B 112 -28.30 12.91 1.21
N SER B 113 -28.31 12.06 2.24
N SER B 113 -28.18 12.08 2.26
CA SER B 113 -29.60 11.96 2.96
CA SER B 113 -29.43 11.82 2.96
C SER B 113 -29.27 11.64 4.42
C SER B 113 -29.23 11.60 4.45
N ASN B 114 -30.37 11.38 5.13
CA ASN B 114 -30.33 11.08 6.56
C ASN B 114 -29.62 12.18 7.36
N VAL B 115 -29.93 13.43 7.05
CA VAL B 115 -29.27 14.56 7.73
C VAL B 115 -29.80 14.82 9.13
N ILE B 116 -28.87 14.64 10.08
CA ILE B 116 -29.23 14.90 11.50
C ILE B 116 -28.33 16.04 12.01
N VAL B 117 -28.94 17.07 12.53
CA VAL B 117 -28.28 18.30 12.94
C VAL B 117 -28.25 18.45 14.46
N ARG B 118 -27.11 18.94 14.97
CA ARG B 118 -27.05 19.24 16.41
C ARG B 118 -26.49 20.64 16.62
N GLU B 119 -27.16 21.49 17.36
CA GLU B 119 -26.57 22.81 17.63
C GLU B 119 -25.53 22.70 18.74
N MET B 120 -24.34 23.24 18.50
CA MET B 120 -23.24 23.20 19.46
C MET B 120 -23.28 24.39 20.40
N ASP B 121 -22.39 24.42 21.41
CA ASP B 121 -22.44 25.47 22.42
C ASP B 121 -21.91 26.82 21.95
N THR B 122 -21.37 26.92 20.75
CA THR B 122 -21.00 28.22 20.20
C THR B 122 -22.05 28.69 19.20
N PRO B 123 -22.59 29.88 19.28
CA PRO B 123 -23.67 30.21 18.32
C PRO B 123 -23.09 30.17 16.91
N GLY B 124 -23.90 29.77 15.93
CA GLY B 124 -23.39 29.60 14.59
C GLY B 124 -22.63 28.31 14.35
N THR B 125 -22.47 27.41 15.32
CA THR B 125 -21.74 26.18 15.01
C THR B 125 -22.62 24.95 15.18
N LEU B 126 -22.56 24.05 14.20
CA LEU B 126 -23.37 22.85 14.16
C LEU B 126 -22.52 21.61 14.04
N GLU B 127 -22.97 20.49 14.61
CA GLU B 127 -22.42 19.18 14.32
C GLU B 127 -23.52 18.43 13.52
N VAL B 128 -23.12 17.93 12.37
CA VAL B 128 -24.10 17.28 11.48
C VAL B 128 -23.64 15.93 11.02
N ALA B 129 -24.51 14.90 11.09
CA ALA B 129 -24.23 13.62 10.57
C ALA B 129 -25.15 13.46 9.32
N SER B 130 -24.61 12.74 8.36
CA SER B 130 -25.45 12.43 7.19
C SER B 130 -24.97 11.14 6.60
N ALA B 131 -25.82 10.51 5.77
CA ALA B 131 -25.43 9.32 5.04
C ALA B 131 -25.10 9.74 3.61
N PHE B 132 -24.20 9.03 2.99
CA PHE B 132 -23.97 9.32 1.55
C PHE B 132 -23.90 8.02 0.78
N LEU B 133 -24.21 8.18 -0.51
CA LEU B 133 -23.94 7.27 -1.58
C LEU B 133 -23.17 8.07 -2.66
N LEU B 134 -21.92 7.70 -2.89
CA LEU B 134 -21.09 8.38 -3.89
C LEU B 134 -20.98 7.40 -5.06
N TYR B 135 -21.58 7.75 -6.18
CA TYR B 135 -21.50 6.95 -7.40
C TYR B 135 -20.35 7.56 -8.24
N ARG B 136 -19.41 6.76 -8.68
CA ARG B 136 -18.36 7.28 -9.57
C ARG B 136 -18.24 6.35 -10.76
N SER B 137 -18.27 6.99 -11.95
CA SER B 137 -18.00 6.17 -13.12
C SER B 137 -16.99 6.94 -13.99
N ARG B 138 -16.18 6.21 -14.73
CA ARG B 138 -15.19 6.92 -15.56
C ARG B 138 -14.81 6.06 -16.75
N LEU B 139 -14.22 6.75 -17.75
CA LEU B 139 -13.81 6.07 -18.98
C LEU B 139 -14.95 5.21 -19.53
N GLU B 140 -14.67 4.02 -20.02
CA GLU B 140 -15.76 3.34 -20.73
C GLU B 140 -16.73 2.70 -19.75
N ARG B 141 -16.18 1.94 -18.82
CA ARG B 141 -17.02 1.03 -18.05
C ARG B 141 -16.80 1.02 -16.54
N GLN B 142 -15.83 1.80 -16.08
CA GLN B 142 -15.45 1.73 -14.67
C GLN B 142 -16.54 2.33 -13.81
N VAL B 143 -16.93 1.63 -12.71
CA VAL B 143 -17.90 2.11 -11.75
C VAL B 143 -17.41 1.70 -10.34
N ASP B 144 -17.43 2.74 -9.54
CA ASP B 144 -17.18 2.51 -8.12
C ASP B 144 -18.29 3.11 -7.30
N VAL B 145 -18.73 2.34 -6.31
CA VAL B 145 -19.77 2.84 -5.46
C VAL B 145 -19.16 2.93 -4.05
N PHE B 146 -19.35 4.08 -3.46
CA PHE B 146 -18.93 4.25 -2.07
C PHE B 146 -20.14 4.62 -1.24
N ALA B 147 -20.30 4.02 -0.05
CA ALA B 147 -21.34 4.45 0.84
C ALA B 147 -20.72 4.67 2.25
N GLY B 148 -21.39 5.45 3.02
CA GLY B 148 -20.88 5.76 4.36
C GLY B 148 -21.61 6.88 5.05
N GLU B 149 -20.92 7.47 6.05
CA GLU B 149 -21.46 8.52 6.87
C GLU B 149 -20.45 9.68 6.97
N ARG B 150 -20.97 10.89 6.99
CA ARG B 150 -20.11 12.07 7.22
C ARG B 150 -20.51 12.67 8.54
N ARG B 151 -19.54 13.01 9.38
CA ARG B 151 -19.81 13.82 10.54
C ARG B 151 -19.06 15.14 10.41
N ASP B 152 -19.78 16.23 10.28
CA ASP B 152 -19.21 17.56 10.10
C ASP B 152 -19.42 18.47 11.28
N VAL B 153 -18.49 19.42 11.38
CA VAL B 153 -18.71 20.66 12.09
C VAL B 153 -18.84 21.76 11.01
N LEU B 154 -20.01 22.39 11.01
CA LEU B 154 -20.32 23.51 10.13
C LEU B 154 -20.34 24.79 10.96
N ARG B 155 -19.88 25.86 10.31
CA ARG B 155 -19.96 27.20 10.90
C ARG B 155 -20.76 28.11 9.99
N ILE B 156 -21.67 28.90 10.54
CA ILE B 156 -22.39 29.89 9.72
C ILE B 156 -21.35 30.87 9.19
N ALA B 157 -21.54 31.36 7.97
CA ALA B 157 -20.49 32.04 7.22
C ALA B 157 -21.14 33.04 6.28
N ASP B 158 -20.40 34.09 5.92
CA ASP B 158 -20.94 35.23 5.21
C ASP B 158 -20.87 35.03 3.70
N ASN B 159 -20.47 33.82 3.31
CA ASN B 159 -20.38 33.46 1.89
C ASN B 159 -21.78 33.24 1.31
N PRO B 160 -21.95 33.14 0.00
CA PRO B 160 -23.28 32.96 -0.62
C PRO B 160 -23.91 31.61 -0.31
N LEU B 161 -23.17 30.75 0.38
CA LEU B 161 -23.82 29.50 0.79
C LEU B 161 -24.16 29.55 2.28
N GLY B 162 -23.52 30.45 3.02
CA GLY B 162 -23.98 30.67 4.39
C GLY B 162 -23.33 29.77 5.41
N PHE B 163 -22.51 28.82 4.97
CA PHE B 163 -21.69 28.02 5.87
C PHE B 163 -20.31 27.76 5.30
N GLN B 164 -19.37 27.45 6.20
CA GLN B 164 -18.15 26.78 5.84
C GLN B 164 -18.02 25.45 6.63
N ILE B 165 -17.29 24.52 6.08
CA ILE B 165 -16.99 23.24 6.73
C ILE B 165 -15.74 23.39 7.62
N ALA B 166 -15.89 23.30 8.92
CA ALA B 166 -14.74 23.46 9.84
C ALA B 166 -14.08 22.13 10.15
N LYS B 167 -14.85 21.04 10.11
CA LYS B 167 -14.35 19.70 10.29
C LYS B 167 -15.16 18.72 9.45
N ARG B 168 -14.45 17.77 8.85
CA ARG B 168 -15.20 16.69 8.19
C ARG B 168 -14.53 15.36 8.51
N THR B 169 -15.30 14.42 9.06
CA THR B 169 -14.81 13.07 9.28
C THR B 169 -15.69 12.12 8.46
N ILE B 170 -15.02 11.28 7.72
CA ILE B 170 -15.80 10.40 6.83
C ILE B 170 -15.62 8.96 7.28
N ILE B 171 -16.79 8.36 7.55
CA ILE B 171 -16.87 6.93 7.73
C ILE B 171 -17.13 6.30 6.37
N LEU B 172 -16.19 5.48 5.92
CA LEU B 172 -16.45 4.73 4.68
C LEU B 172 -16.83 3.29 4.99
N ASP B 173 -17.91 2.74 4.42
CA ASP B 173 -18.35 1.38 4.73
C ASP B 173 -17.63 0.33 3.89
N GLN B 174 -16.30 0.37 4.03
CA GLN B 174 -15.41 -0.57 3.45
C GLN B 174 -14.19 -0.78 4.41
N SER B 175 -13.61 -1.94 4.33
CA SER B 175 -12.28 -2.09 5.02
C SER B 175 -11.19 -1.96 3.96
N THR B 176 -10.94 -2.98 3.16
CA THR B 176 -10.19 -2.89 1.94
C THR B 176 -10.91 -1.90 1.02
N VAL B 177 -10.17 -0.93 0.50
CA VAL B 177 -10.73 -0.01 -0.50
C VAL B 177 -10.92 -0.73 -1.82
N LEU B 178 -12.19 -0.74 -2.30
CA LEU B 178 -12.43 -1.62 -3.43
C LEU B 178 -12.19 -0.92 -4.76
N ALA B 179 -12.11 0.40 -4.73
CA ALA B 179 -11.79 1.20 -5.93
C ALA B 179 -10.29 1.25 -6.16
N ASN B 180 -9.81 1.61 -7.36
CA ASN B 180 -8.36 1.64 -7.54
C ASN B 180 -7.74 2.90 -6.93
N ASN B 181 -8.52 3.86 -6.52
CA ASN B 181 -8.00 5.07 -5.86
C ASN B 181 -9.13 5.76 -5.12
N LEU B 182 -8.79 6.83 -4.45
CA LEU B 182 -9.75 7.69 -3.77
C LEU B 182 -9.58 9.08 -4.40
N SER B 183 -9.56 9.11 -5.73
CA SER B 183 -9.44 10.36 -6.49
C SER B 183 -10.69 11.22 -6.55
N VAL B 184 -11.60 11.11 -5.61
CA VAL B 184 -12.74 12.00 -5.52
C VAL B 184 -12.90 12.47 -4.06
N PHE B 185 -13.56 13.60 -3.89
CA PHE B 185 -13.75 14.16 -2.54
C PHE B 185 -15.11 13.70 -1.99
N PHE B 186 -15.15 13.53 -0.68
CA PHE B 186 -16.35 13.09 0.03
C PHE B 186 -16.96 14.23 0.84
FE FE2 C . 5.17 7.08 -9.35
FE1 FES D . -12.56 -26.47 10.58
FE2 FES D . -14.36 -28.39 10.36
S1 FES D . -13.26 -27.80 12.23
S2 FES D . -13.79 -27.03 8.73
O1 MES E . -20.52 19.44 29.02
C2 MES E . -21.56 19.11 28.10
C3 MES E . -21.07 19.18 26.66
N4 MES E . -20.26 20.38 26.42
C5 MES E . -20.44 21.36 27.50
C6 MES E . -20.10 20.80 28.89
C7 MES E . -20.76 21.02 25.17
C8 MES E . -20.16 20.37 23.94
S MES E . -20.63 21.07 22.34
O1S MES E . -20.08 22.43 22.32
O2S MES E . -20.04 20.11 21.40
O3S MES E . -22.11 21.07 22.39
#